data_3E7R
# 
_entry.id   3E7R 
# 
_audit_conform.dict_name       mmcif_pdbx.dic 
_audit_conform.dict_version    5.397 
_audit_conform.dict_location   http://mmcif.pdb.org/dictionaries/ascii/mmcif_pdbx.dic 
# 
loop_
_database_2.database_id 
_database_2.database_code 
_database_2.pdbx_database_accession 
_database_2.pdbx_DOI 
PDB   3E7R         pdb_00003e7r 10.2210/pdb3e7r/pdb 
RCSB  RCSB048981   ?            ?                   
WWPDB D_1000048981 ?            ?                   
# 
loop_
_pdbx_audit_revision_history.ordinal 
_pdbx_audit_revision_history.data_content_type 
_pdbx_audit_revision_history.major_revision 
_pdbx_audit_revision_history.minor_revision 
_pdbx_audit_revision_history.revision_date 
1 'Structure model' 1 0 2009-06-09 
2 'Structure model' 1 1 2011-07-13 
3 'Structure model' 1 2 2012-03-28 
4 'Structure model' 1 3 2024-10-16 
# 
_pdbx_audit_revision_details.ordinal             1 
_pdbx_audit_revision_details.revision_ordinal    1 
_pdbx_audit_revision_details.data_content_type   'Structure model' 
_pdbx_audit_revision_details.provider            repository 
_pdbx_audit_revision_details.type                'Initial release' 
_pdbx_audit_revision_details.description         ? 
_pdbx_audit_revision_details.details             ? 
# 
loop_
_pdbx_audit_revision_group.ordinal 
_pdbx_audit_revision_group.revision_ordinal 
_pdbx_audit_revision_group.data_content_type 
_pdbx_audit_revision_group.group 
1 2 'Structure model' 'Version format compliance' 
2 3 'Structure model' Other                       
3 4 'Structure model' 'Data collection'           
4 4 'Structure model' 'Database references'       
5 4 'Structure model' 'Structure summary'         
# 
loop_
_pdbx_audit_revision_category.ordinal 
_pdbx_audit_revision_category.revision_ordinal 
_pdbx_audit_revision_category.data_content_type 
_pdbx_audit_revision_category.category 
1 4 'Structure model' chem_comp_atom            
2 4 'Structure model' chem_comp_bond            
3 4 'Structure model' database_2                
4 4 'Structure model' pdbx_entry_details        
5 4 'Structure model' pdbx_modification_feature 
# 
loop_
_pdbx_audit_revision_item.ordinal 
_pdbx_audit_revision_item.revision_ordinal 
_pdbx_audit_revision_item.data_content_type 
_pdbx_audit_revision_item.item 
1 4 'Structure model' '_database_2.pdbx_DOI'                
2 4 'Structure model' '_database_2.pdbx_database_accession' 
# 
_pdbx_database_status.status_code                     REL 
_pdbx_database_status.entry_id                        3E7R 
_pdbx_database_status.recvd_initial_deposition_date   2008-08-18 
_pdbx_database_status.deposit_site                    RCSB 
_pdbx_database_status.process_site                    RCSB 
_pdbx_database_status.status_code_sf                  REL 
_pdbx_database_status.status_code_mr                  ? 
_pdbx_database_status.SG_entry                        ? 
_pdbx_database_status.status_code_cs                  ? 
_pdbx_database_status.methods_development_category    ? 
_pdbx_database_status.pdb_format_compatible           Y 
_pdbx_database_status.status_code_nmr_data            ? 
# 
_pdbx_database_related.db_name        PDB 
_pdbx_database_related.db_id          3E7U 
_pdbx_database_related.details        . 
_pdbx_database_related.content_type   unspecified 
# 
loop_
_audit_author.name 
_audit_author.pdbx_ordinal 
'Mandal, K.'       1 
'Pentelute, B.L.'  2 
'Tereshko, V.'     3 
'Kossiakoff, A.A.' 4 
'Kent, S.B.H.'     5 
# 
_citation.id                        primary 
_citation.title                     
'Racemic crystallography of synthetic protein enantiomers used to determine the X-ray structure of plectasin by direct methods' 
_citation.journal_abbrev            'Protein Sci.' 
_citation.journal_volume            18 
_citation.page_first                1146 
_citation.page_last                 1154 
_citation.year                      2009 
_citation.journal_id_ASTM           PRCIEI 
_citation.country                   US 
_citation.journal_id_ISSN           0961-8368 
_citation.journal_id_CSD            0795 
_citation.book_publisher            ? 
_citation.pdbx_database_id_PubMed   19472324 
_citation.pdbx_database_id_DOI      10.1002/pro.127 
# 
loop_
_citation_author.citation_id 
_citation_author.name 
_citation_author.ordinal 
_citation_author.identifier_ORCID 
primary 'Mandal, K.'       1 ? 
primary 'Pentelute, B.L.'  2 ? 
primary 'Tereshko, V.'     3 ? 
primary 'Thammavongsa, V.' 4 ? 
primary 'Schneewind, O.'   5 ? 
primary 'Kossiakoff, A.A.' 6 ? 
primary 'Kent, S.B.'       7 ? 
# 
loop_
_entity.id 
_entity.type 
_entity.src_method 
_entity.pdbx_description 
_entity.formula_weight 
_entity.pdbx_number_of_molecules 
_entity.pdbx_ec 
_entity.pdbx_mutation 
_entity.pdbx_fragment 
_entity.details 
1 polymer syn Plectasin 4415.024 1  ? ? ? ? 
2 water   nat water     18.015   24 ? ? ? ? 
# 
_entity_poly.entity_id                      1 
_entity_poly.type                           'polypeptide(L)' 
_entity_poly.nstd_linkage                   no 
_entity_poly.nstd_monomer                   no 
_entity_poly.pdbx_seq_one_letter_code       GFGCNGPWDEDDMQCHNHCKSIKGYKGGYCAKGGFVCKCY 
_entity_poly.pdbx_seq_one_letter_code_can   GFGCNGPWDEDDMQCHNHCKSIKGYKGGYCAKGGFVCKCY 
_entity_poly.pdbx_strand_id                 L 
_entity_poly.pdbx_target_identifier         ? 
# 
_pdbx_entity_nonpoly.entity_id   2 
_pdbx_entity_nonpoly.name        water 
_pdbx_entity_nonpoly.comp_id     HOH 
# 
loop_
_entity_poly_seq.entity_id 
_entity_poly_seq.num 
_entity_poly_seq.mon_id 
_entity_poly_seq.hetero 
1 1  GLY n 
1 2  PHE n 
1 3  GLY n 
1 4  CYS n 
1 5  ASN n 
1 6  GLY n 
1 7  PRO n 
1 8  TRP n 
1 9  ASP n 
1 10 GLU n 
1 11 ASP n 
1 12 ASP n 
1 13 MET n 
1 14 GLN n 
1 15 CYS n 
1 16 HIS n 
1 17 ASN n 
1 18 HIS n 
1 19 CYS n 
1 20 LYS n 
1 21 SER n 
1 22 ILE n 
1 23 LYS n 
1 24 GLY n 
1 25 TYR n 
1 26 LYS n 
1 27 GLY n 
1 28 GLY n 
1 29 TYR n 
1 30 CYS n 
1 31 ALA n 
1 32 LYS n 
1 33 GLY n 
1 34 GLY n 
1 35 PHE n 
1 36 VAL n 
1 37 CYS n 
1 38 LYS n 
1 39 CYS n 
1 40 TYR n 
# 
_pdbx_entity_src_syn.entity_id              1 
_pdbx_entity_src_syn.pdbx_src_id            1 
_pdbx_entity_src_syn.pdbx_alt_source_flag   sample 
_pdbx_entity_src_syn.pdbx_beg_seq_num       ? 
_pdbx_entity_src_syn.pdbx_end_seq_num       ? 
_pdbx_entity_src_syn.organism_scientific    ? 
_pdbx_entity_src_syn.organism_common_name   ? 
_pdbx_entity_src_syn.ncbi_taxonomy_id       ? 
_pdbx_entity_src_syn.details                'The peptide is naturally found in Pseudoplectania nigrella (Ebony cup).' 
# 
loop_
_chem_comp.id 
_chem_comp.type 
_chem_comp.mon_nstd_flag 
_chem_comp.name 
_chem_comp.pdbx_synonyms 
_chem_comp.formula 
_chem_comp.formula_weight 
ALA 'L-peptide linking' y ALANINE         ? 'C3 H7 N O2'     89.093  
ASN 'L-peptide linking' y ASPARAGINE      ? 'C4 H8 N2 O3'    132.118 
ASP 'L-peptide linking' y 'ASPARTIC ACID' ? 'C4 H7 N O4'     133.103 
CYS 'L-peptide linking' y CYSTEINE        ? 'C3 H7 N O2 S'   121.158 
GLN 'L-peptide linking' y GLUTAMINE       ? 'C5 H10 N2 O3'   146.144 
GLU 'L-peptide linking' y 'GLUTAMIC ACID' ? 'C5 H9 N O4'     147.129 
GLY 'peptide linking'   y GLYCINE         ? 'C2 H5 N O2'     75.067  
HIS 'L-peptide linking' y HISTIDINE       ? 'C6 H10 N3 O2 1' 156.162 
HOH non-polymer         . WATER           ? 'H2 O'           18.015  
ILE 'L-peptide linking' y ISOLEUCINE      ? 'C6 H13 N O2'    131.173 
LYS 'L-peptide linking' y LYSINE          ? 'C6 H15 N2 O2 1' 147.195 
MET 'L-peptide linking' y METHIONINE      ? 'C5 H11 N O2 S'  149.211 
PHE 'L-peptide linking' y PHENYLALANINE   ? 'C9 H11 N O2'    165.189 
PRO 'L-peptide linking' y PROLINE         ? 'C5 H9 N O2'     115.130 
SER 'L-peptide linking' y SERINE          ? 'C3 H7 N O3'     105.093 
TRP 'L-peptide linking' y TRYPTOPHAN      ? 'C11 H12 N2 O2'  204.225 
TYR 'L-peptide linking' y TYROSINE        ? 'C9 H11 N O3'    181.189 
VAL 'L-peptide linking' y VALINE          ? 'C5 H11 N O2'    117.146 
# 
loop_
_pdbx_poly_seq_scheme.asym_id 
_pdbx_poly_seq_scheme.entity_id 
_pdbx_poly_seq_scheme.seq_id 
_pdbx_poly_seq_scheme.mon_id 
_pdbx_poly_seq_scheme.ndb_seq_num 
_pdbx_poly_seq_scheme.pdb_seq_num 
_pdbx_poly_seq_scheme.auth_seq_num 
_pdbx_poly_seq_scheme.pdb_mon_id 
_pdbx_poly_seq_scheme.auth_mon_id 
_pdbx_poly_seq_scheme.pdb_strand_id 
_pdbx_poly_seq_scheme.pdb_ins_code 
_pdbx_poly_seq_scheme.hetero 
A 1 1  GLY 1  1  1  GLY GLY L . n 
A 1 2  PHE 2  2  2  PHE PHE L . n 
A 1 3  GLY 3  3  3  GLY GLY L . n 
A 1 4  CYS 4  4  4  CYS CYS L . n 
A 1 5  ASN 5  5  5  ASN ASN L . n 
A 1 6  GLY 6  6  6  GLY GLY L . n 
A 1 7  PRO 7  7  7  PRO PRO L . n 
A 1 8  TRP 8  8  8  TRP TRP L . n 
A 1 9  ASP 9  9  9  ASP ASP L . n 
A 1 10 GLU 10 10 10 GLU GLU L . n 
A 1 11 ASP 11 11 11 ASP ASP L . n 
A 1 12 ASP 12 12 12 ASP ASP L . n 
A 1 13 MET 13 13 13 MET MET L . n 
A 1 14 GLN 14 14 14 GLN GLN L . n 
A 1 15 CYS 15 15 15 CYS CYS L . n 
A 1 16 HIS 16 16 16 HIS HIS L . n 
A 1 17 ASN 17 17 17 ASN ASN L . n 
A 1 18 HIS 18 18 18 HIS HIS L . n 
A 1 19 CYS 19 19 19 CYS CYS L . n 
A 1 20 LYS 20 20 20 LYS LYS L . n 
A 1 21 SER 21 21 21 SER SER L . n 
A 1 22 ILE 22 22 22 ILE ILE L . n 
A 1 23 LYS 23 23 23 LYS LYS L . n 
A 1 24 GLY 24 24 24 GLY GLY L . n 
A 1 25 TYR 25 25 25 TYR TYR L . n 
A 1 26 LYS 26 26 26 LYS LYS L . n 
A 1 27 GLY 27 27 27 GLY GLY L . n 
A 1 28 GLY 28 28 28 GLY GLY L . n 
A 1 29 TYR 29 29 29 TYR TYR L . n 
A 1 30 CYS 30 30 30 CYS CYS L . n 
A 1 31 ALA 31 31 31 ALA ALA L . n 
A 1 32 LYS 32 32 32 LYS LYS L . n 
A 1 33 GLY 33 33 33 GLY GLY L . n 
A 1 34 GLY 34 34 34 GLY GLY L . n 
A 1 35 PHE 35 35 35 PHE PHE L . n 
A 1 36 VAL 36 36 36 VAL VAL L . n 
A 1 37 CYS 37 37 37 CYS CYS L . n 
A 1 38 LYS 38 38 38 LYS LYS L . n 
A 1 39 CYS 39 39 39 CYS CYS L . n 
A 1 40 TYR 40 40 40 TYR TYR L . n 
# 
loop_
_pdbx_nonpoly_scheme.asym_id 
_pdbx_nonpoly_scheme.entity_id 
_pdbx_nonpoly_scheme.mon_id 
_pdbx_nonpoly_scheme.ndb_seq_num 
_pdbx_nonpoly_scheme.pdb_seq_num 
_pdbx_nonpoly_scheme.auth_seq_num 
_pdbx_nonpoly_scheme.pdb_mon_id 
_pdbx_nonpoly_scheme.auth_mon_id 
_pdbx_nonpoly_scheme.pdb_strand_id 
_pdbx_nonpoly_scheme.pdb_ins_code 
B 2 HOH 1  41 1  HOH HOH L . 
B 2 HOH 2  42 2  HOH HOH L . 
B 2 HOH 3  43 3  HOH HOH L . 
B 2 HOH 4  44 4  HOH HOH L . 
B 2 HOH 5  45 5  HOH HOH L . 
B 2 HOH 6  46 6  HOH HOH L . 
B 2 HOH 7  47 7  HOH HOH L . 
B 2 HOH 8  48 8  HOH HOH L . 
B 2 HOH 9  49 9  HOH HOH L . 
B 2 HOH 10 50 10 HOH HOH L . 
B 2 HOH 11 51 11 HOH HOH L . 
B 2 HOH 12 52 12 HOH HOH L . 
B 2 HOH 13 53 13 HOH HOH L . 
B 2 HOH 14 54 14 HOH HOH L . 
B 2 HOH 15 55 15 HOH HOH L . 
B 2 HOH 16 56 16 HOH HOH L . 
B 2 HOH 17 57 17 HOH HOH L . 
B 2 HOH 18 58 18 HOH HOH L . 
B 2 HOH 19 59 19 HOH HOH L . 
B 2 HOH 20 60 20 HOH HOH L . 
B 2 HOH 21 61 21 HOH HOH L . 
B 2 HOH 22 62 22 HOH HOH L . 
B 2 HOH 23 63 23 HOH HOH L . 
B 2 HOH 24 64 24 HOH HOH L . 
# 
loop_
_pdbx_unobs_or_zero_occ_atoms.id 
_pdbx_unobs_or_zero_occ_atoms.PDB_model_num 
_pdbx_unobs_or_zero_occ_atoms.polymer_flag 
_pdbx_unobs_or_zero_occ_atoms.occupancy_flag 
_pdbx_unobs_or_zero_occ_atoms.auth_asym_id 
_pdbx_unobs_or_zero_occ_atoms.auth_comp_id 
_pdbx_unobs_or_zero_occ_atoms.auth_seq_id 
_pdbx_unobs_or_zero_occ_atoms.PDB_ins_code 
_pdbx_unobs_or_zero_occ_atoms.auth_atom_id 
_pdbx_unobs_or_zero_occ_atoms.label_alt_id 
_pdbx_unobs_or_zero_occ_atoms.label_asym_id 
_pdbx_unobs_or_zero_occ_atoms.label_comp_id 
_pdbx_unobs_or_zero_occ_atoms.label_seq_id 
_pdbx_unobs_or_zero_occ_atoms.label_atom_id 
1 1 Y 1 L MET 13 ? CG ? A MET 13 CG 
2 1 Y 1 L MET 13 ? SD ? A MET 13 SD 
3 1 Y 1 L MET 13 ? CE ? A MET 13 CE 
# 
loop_
_software.name 
_software.classification 
_software.version 
_software.citation_id 
_software.pdbx_ordinal 
REFMAC   refinement       5.2.0019 ? 1 
HKL-2000 'data reduction' .        ? 2 
HKL-2000 'data scaling'   .        ? 3 
SHELXS   phasing          .        ? 4 
# 
_cell.entry_id           3E7R 
_cell.length_a           23.581 
_cell.length_b           23.812 
_cell.length_c           24.492 
_cell.angle_alpha        109.65 
_cell.angle_beta         94.95 
_cell.angle_gamma        97.69 
_cell.Z_PDB              2 
_cell.pdbx_unique_axis   ? 
_cell.length_a_esd       ? 
_cell.length_b_esd       ? 
_cell.length_c_esd       ? 
_cell.angle_alpha_esd    ? 
_cell.angle_beta_esd     ? 
_cell.angle_gamma_esd    ? 
# 
_symmetry.entry_id                         3E7R 
_symmetry.space_group_name_H-M             'P -1' 
_symmetry.pdbx_full_space_group_name_H-M   ? 
_symmetry.cell_setting                     ? 
_symmetry.Int_Tables_number                2 
_symmetry.space_group_name_Hall            ? 
# 
_exptl.entry_id          3E7R 
_exptl.method            'X-RAY DIFFRACTION' 
_exptl.crystals_number   1 
# 
_exptl_crystal.id                    1 
_exptl_crystal.density_meas          ? 
_exptl_crystal.density_Matthews      1.41 
_exptl_crystal.density_percent_sol   14.53 
_exptl_crystal.description           ? 
_exptl_crystal.F_000                 ? 
_exptl_crystal.preparation           ? 
# 
_exptl_crystal_grow.crystal_id      1 
_exptl_crystal_grow.method          ? 
_exptl_crystal_grow.temp            292 
_exptl_crystal_grow.temp_details    ? 
_exptl_crystal_grow.pH              7 
_exptl_crystal_grow.pdbx_pH_range   ? 
_exptl_crystal_grow.pdbx_details    
'0.1 M HEPES, 22.5% (w/v) Jeffamine ED-2001, pH 7, VAPOR DIFFUSION, HANGING DROP, temperature 292K' 
# 
_diffrn.id                     1 
_diffrn.ambient_temp           100 
_diffrn.ambient_temp_details   ? 
_diffrn.crystal_id             1 
# 
_diffrn_detector.diffrn_id              1 
_diffrn_detector.detector               CCD 
_diffrn_detector.type                   'MARMOSAIC 300 mm CCD' 
_diffrn_detector.pdbx_collection_date   2007-10-24 
_diffrn_detector.details                ? 
# 
_diffrn_radiation.diffrn_id                        1 
_diffrn_radiation.wavelength_id                    1 
_diffrn_radiation.pdbx_monochromatic_or_laue_m_l   M 
_diffrn_radiation.monochromator                    ? 
_diffrn_radiation.pdbx_diffrn_protocol             'SINGLE WAVELENGTH' 
_diffrn_radiation.pdbx_scattering_type             x-ray 
# 
_diffrn_radiation_wavelength.id           1 
_diffrn_radiation_wavelength.wavelength   0.97934 
_diffrn_radiation_wavelength.wt           1.0 
# 
_diffrn_source.diffrn_id                   1 
_diffrn_source.source                      SYNCHROTRON 
_diffrn_source.type                        'APS BEAMLINE 23-ID-D' 
_diffrn_source.pdbx_synchrotron_site       APS 
_diffrn_source.pdbx_synchrotron_beamline   23-ID-D 
_diffrn_source.pdbx_wavelength             0.97934 
_diffrn_source.pdbx_wavelength_list        ? 
# 
_reflns.entry_id                     3E7R 
_reflns.observed_criterion_sigma_I   ? 
_reflns.observed_criterion_sigma_F   ? 
_reflns.d_resolution_low             50.0 
_reflns.d_resolution_high            1.000 
_reflns.number_obs                   22253 
_reflns.number_all                   ? 
_reflns.percent_possible_obs         83.2 
_reflns.pdbx_Rmerge_I_obs            0.06800 
_reflns.pdbx_Rsym_value              ? 
_reflns.pdbx_netI_over_sigmaI        12.0 
_reflns.B_iso_Wilson_estimate        ? 
_reflns.pdbx_redundancy              3.500 
_reflns.R_free_details               ? 
_reflns.limit_h_max                  ? 
_reflns.limit_h_min                  ? 
_reflns.limit_k_max                  ? 
_reflns.limit_k_min                  ? 
_reflns.limit_l_max                  ? 
_reflns.limit_l_min                  ? 
_reflns.observed_criterion_F_max     ? 
_reflns.observed_criterion_F_min     ? 
_reflns.pdbx_chi_squared             ? 
_reflns.pdbx_scaling_rejects         ? 
_reflns.pdbx_ordinal                 1 
_reflns.pdbx_diffrn_id               1 
# 
_reflns_shell.d_res_high             1.00 
_reflns_shell.d_res_low              1.04 
_reflns_shell.percent_possible_all   32.0 
_reflns_shell.Rmerge_I_obs           0.21200 
_reflns_shell.pdbx_Rsym_value        ? 
_reflns_shell.meanI_over_sigI_obs    4.800 
_reflns_shell.pdbx_redundancy        2.20 
_reflns_shell.percent_possible_obs   ? 
_reflns_shell.number_unique_all      ? 
_reflns_shell.number_measured_all    ? 
_reflns_shell.number_measured_obs    ? 
_reflns_shell.number_unique_obs      ? 
_reflns_shell.pdbx_chi_squared       ? 
_reflns_shell.pdbx_ordinal           1 
_reflns_shell.pdbx_diffrn_id         1 
# 
_refine.pdbx_refine_id                           'X-RAY DIFFRACTION' 
_refine.entry_id                                 3E7R 
_refine.ls_number_reflns_obs                     21051 
_refine.ls_number_reflns_all                     ? 
_refine.pdbx_ls_sigma_I                          ? 
_refine.pdbx_ls_sigma_F                          ? 
_refine.pdbx_data_cutoff_high_absF               ? 
_refine.pdbx_data_cutoff_low_absF                ? 
_refine.pdbx_data_cutoff_high_rms_absF           ? 
_refine.ls_d_res_low                             22.84 
_refine.ls_d_res_high                            1.00 
_refine.ls_percent_reflns_obs                    83.2 
_refine.ls_R_factor_obs                          0.203 
_refine.ls_R_factor_all                          ? 
_refine.ls_R_factor_R_work                       0.202 
_refine.ls_R_factor_R_free                       0.224 
_refine.ls_R_factor_R_free_error                 ? 
_refine.ls_R_factor_R_free_error_details         ? 
_refine.ls_percent_reflns_R_free                 5.000 
_refine.ls_number_reflns_R_free                  1100 
_refine.ls_number_parameters                     ? 
_refine.ls_number_restraints                     ? 
_refine.occupancy_min                            ? 
_refine.occupancy_max                            ? 
_refine.correlation_coeff_Fo_to_Fc               0.960 
_refine.correlation_coeff_Fo_to_Fc_free          0.955 
_refine.B_iso_mean                               11.78 
_refine.aniso_B[1][1]                            0.11000 
_refine.aniso_B[2][2]                            -0.03000 
_refine.aniso_B[3][3]                            -0.09000 
_refine.aniso_B[1][2]                            0.08000 
_refine.aniso_B[1][3]                            0.03000 
_refine.aniso_B[2][3]                            -0.05000 
_refine.solvent_model_details                    MASK 
_refine.solvent_model_param_ksol                 ? 
_refine.solvent_model_param_bsol                 ? 
_refine.pdbx_solvent_vdw_probe_radii             1.20 
_refine.pdbx_solvent_ion_probe_radii             0.80 
_refine.pdbx_solvent_shrinkage_radii             0.80 
_refine.pdbx_ls_cross_valid_method               THROUGHOUT 
_refine.details                                  'HYDROGENS HAVE BEEN ADDED IN THE RIDING POSITIONS' 
_refine.pdbx_starting_model                      ? 
_refine.pdbx_method_to_determine_struct          'AB INITIO PHASING' 
_refine.pdbx_isotropic_thermal_model             ? 
_refine.pdbx_stereochemistry_target_values       'MAXIMUM LIKELIHOOD' 
_refine.pdbx_stereochem_target_val_spec_case     ? 
_refine.pdbx_R_Free_selection_details            RANDOM 
_refine.pdbx_overall_ESU_R                       0.030 
_refine.pdbx_overall_ESU_R_Free                  0.030 
_refine.overall_SU_ML                            0.013 
_refine.pdbx_overall_phase_error                 ? 
_refine.overall_SU_B                             0.522 
_refine.ls_redundancy_reflns_obs                 ? 
_refine.B_iso_min                                ? 
_refine.B_iso_max                                ? 
_refine.overall_SU_R_Cruickshank_DPI             ? 
_refine.overall_SU_R_free                        ? 
_refine.ls_wR_factor_R_free                      ? 
_refine.ls_wR_factor_R_work                      ? 
_refine.overall_FOM_free_R_set                   ? 
_refine.overall_FOM_work_R_set                   ? 
_refine.pdbx_diffrn_id                           1 
_refine.pdbx_TLS_residual_ADP_flag               ? 
_refine.pdbx_overall_SU_R_free_Cruickshank_DPI   ? 
_refine.pdbx_overall_SU_R_Blow_DPI               ? 
_refine.pdbx_overall_SU_R_free_Blow_DPI          ? 
# 
_refine_hist.pdbx_refine_id                   'X-RAY DIFFRACTION' 
_refine_hist.cycle_id                         LAST 
_refine_hist.pdbx_number_atoms_protein        302 
_refine_hist.pdbx_number_atoms_nucleic_acid   0 
_refine_hist.pdbx_number_atoms_ligand         0 
_refine_hist.number_atoms_solvent             24 
_refine_hist.number_atoms_total               326 
_refine_hist.d_res_high                       1.00 
_refine_hist.d_res_low                        22.84 
# 
loop_
_refine_ls_restr.type 
_refine_ls_restr.dev_ideal 
_refine_ls_restr.dev_ideal_target 
_refine_ls_restr.weight 
_refine_ls_restr.number 
_refine_ls_restr.pdbx_refine_id 
_refine_ls_restr.pdbx_restraint_function 
r_bond_refined_d             0.020  0.021  ? 322 'X-RAY DIFFRACTION' ? 
r_bond_other_d               ?      ?      ? ?   'X-RAY DIFFRACTION' ? 
r_angle_refined_deg          1.749  1.910  ? 432 'X-RAY DIFFRACTION' ? 
r_angle_other_deg            ?      ?      ? ?   'X-RAY DIFFRACTION' ? 
r_dihedral_angle_1_deg       6.453  5.000  ? 39  'X-RAY DIFFRACTION' ? 
r_dihedral_angle_2_deg       31.391 24.375 ? 16  'X-RAY DIFFRACTION' ? 
r_dihedral_angle_3_deg       16.544 15.000 ? 48  'X-RAY DIFFRACTION' ? 
r_dihedral_angle_4_deg       ?      ?      ? ?   'X-RAY DIFFRACTION' ? 
r_chiral_restr               0.090  0.200  ? 34  'X-RAY DIFFRACTION' ? 
r_gen_planes_refined         0.014  0.020  ? 260 'X-RAY DIFFRACTION' ? 
r_gen_planes_other           ?      ?      ? ?   'X-RAY DIFFRACTION' ? 
r_nbd_refined                0.192  0.200  ? 135 'X-RAY DIFFRACTION' ? 
r_nbd_other                  ?      ?      ? ?   'X-RAY DIFFRACTION' ? 
r_nbtor_refined              0.323  0.200  ? 220 'X-RAY DIFFRACTION' ? 
r_nbtor_other                ?      ?      ? ?   'X-RAY DIFFRACTION' ? 
r_xyhbond_nbd_refined        0.069  0.200  ? 10  'X-RAY DIFFRACTION' ? 
r_xyhbond_nbd_other          ?      ?      ? ?   'X-RAY DIFFRACTION' ? 
r_metal_ion_refined          ?      ?      ? ?   'X-RAY DIFFRACTION' ? 
r_metal_ion_other            ?      ?      ? ?   'X-RAY DIFFRACTION' ? 
r_symmetry_vdw_refined       0.209  0.200  ? 41  'X-RAY DIFFRACTION' ? 
r_symmetry_vdw_other         ?      ?      ? ?   'X-RAY DIFFRACTION' ? 
r_symmetry_hbond_refined     0.133  0.200  ? 9   'X-RAY DIFFRACTION' ? 
r_symmetry_hbond_other       ?      ?      ? ?   'X-RAY DIFFRACTION' ? 
r_symmetry_metal_ion_refined ?      ?      ? ?   'X-RAY DIFFRACTION' ? 
r_symmetry_metal_ion_other   ?      ?      ? ?   'X-RAY DIFFRACTION' ? 
r_mcbond_it                  1.927  1.500  ? 196 'X-RAY DIFFRACTION' ? 
r_mcbond_other               ?      ?      ? ?   'X-RAY DIFFRACTION' ? 
r_mcangle_it                 2.825  2.000  ? 299 'X-RAY DIFFRACTION' ? 
r_scbond_it                  4.246  3.000  ? 151 'X-RAY DIFFRACTION' ? 
r_scangle_it                 5.873  4.500  ? 133 'X-RAY DIFFRACTION' ? 
r_rigid_bond_restr           2.230  3.000  ? 347 'X-RAY DIFFRACTION' ? 
r_sphericity_free            12.100 3.000  ? 24  'X-RAY DIFFRACTION' ? 
r_sphericity_bonded          7.042  3.000  ? 309 'X-RAY DIFFRACTION' ? 
# 
_refine_ls_shell.pdbx_refine_id                   'X-RAY DIFFRACTION' 
_refine_ls_shell.pdbx_total_number_of_bins_used   20 
_refine_ls_shell.d_res_high                       1.00 
_refine_ls_shell.d_res_low                        1.03 
_refine_ls_shell.number_reflns_R_work             574 
_refine_ls_shell.R_factor_R_work                  0.3230 
_refine_ls_shell.percent_reflns_obs               30.41 
_refine_ls_shell.R_factor_R_free                  0.3470 
_refine_ls_shell.R_factor_R_free_error            ? 
_refine_ls_shell.percent_reflns_R_free            ? 
_refine_ls_shell.number_reflns_R_free             30 
_refine_ls_shell.number_reflns_all                ? 
_refine_ls_shell.R_factor_all                     ? 
_refine_ls_shell.redundancy_reflns_obs            ? 
_refine_ls_shell.number_reflns_obs                ? 
# 
_struct.entry_id                  3E7R 
_struct.title                     'X-ray Crystal Structure of Racemic Plectasin' 
_struct.pdbx_model_details        ? 
_struct.pdbx_CASP_flag            ? 
_struct.pdbx_model_type_details   ? 
# 
_struct_keywords.entry_id        3E7R 
_struct_keywords.pdbx_keywords   'ANTIMICROBIAL PROTEIN' 
_struct_keywords.text            
;plectasin, racemic protein crystallography, Antibiotic, Antimicrobial, Cleavage on pair of basic residues, Defensin, Secreted, ANTIMICROBIAL PROTEIN
;
# 
loop_
_struct_asym.id 
_struct_asym.pdbx_blank_PDB_chainid_flag 
_struct_asym.pdbx_modified 
_struct_asym.entity_id 
_struct_asym.details 
A N N 1 ? 
B N N 2 ? 
# 
_struct_ref.id                         1 
_struct_ref.db_name                    UNP 
_struct_ref.db_code                    PLECT_PSENR 
_struct_ref.pdbx_db_accession          Q53I06 
_struct_ref.entity_id                  1 
_struct_ref.pdbx_seq_one_letter_code   GFGCNGPWDEDDMQCHNHCKSIKGYKGGYCAKGGFVCKCY 
_struct_ref.pdbx_align_begin           56 
_struct_ref.pdbx_db_isoform            ? 
# 
_struct_ref_seq.align_id                      1 
_struct_ref_seq.ref_id                        1 
_struct_ref_seq.pdbx_PDB_id_code              3E7R 
_struct_ref_seq.pdbx_strand_id                L 
_struct_ref_seq.seq_align_beg                 1 
_struct_ref_seq.pdbx_seq_align_beg_ins_code   ? 
_struct_ref_seq.seq_align_end                 40 
_struct_ref_seq.pdbx_seq_align_end_ins_code   ? 
_struct_ref_seq.pdbx_db_accession             Q53I06 
_struct_ref_seq.db_align_beg                  56 
_struct_ref_seq.pdbx_db_align_beg_ins_code    ? 
_struct_ref_seq.db_align_end                  95 
_struct_ref_seq.pdbx_db_align_end_ins_code    ? 
_struct_ref_seq.pdbx_auth_seq_align_beg       1 
_struct_ref_seq.pdbx_auth_seq_align_end       40 
# 
_pdbx_struct_assembly.id                   1 
_pdbx_struct_assembly.details              author_and_software_defined_assembly 
_pdbx_struct_assembly.method_details       PISA 
_pdbx_struct_assembly.oligomeric_details   monomeric 
_pdbx_struct_assembly.oligomeric_count     1 
# 
_pdbx_struct_assembly_gen.assembly_id       1 
_pdbx_struct_assembly_gen.oper_expression   1 
_pdbx_struct_assembly_gen.asym_id_list      A,B 
# 
_pdbx_struct_oper_list.id                   1 
_pdbx_struct_oper_list.type                 'identity operation' 
_pdbx_struct_oper_list.name                 1_555 
_pdbx_struct_oper_list.symmetry_operation   x,y,z 
_pdbx_struct_oper_list.matrix[1][1]         1.0000000000 
_pdbx_struct_oper_list.matrix[1][2]         0.0000000000 
_pdbx_struct_oper_list.matrix[1][3]         0.0000000000 
_pdbx_struct_oper_list.vector[1]            0.0000000000 
_pdbx_struct_oper_list.matrix[2][1]         0.0000000000 
_pdbx_struct_oper_list.matrix[2][2]         1.0000000000 
_pdbx_struct_oper_list.matrix[2][3]         0.0000000000 
_pdbx_struct_oper_list.vector[2]            0.0000000000 
_pdbx_struct_oper_list.matrix[3][1]         0.0000000000 
_pdbx_struct_oper_list.matrix[3][2]         0.0000000000 
_pdbx_struct_oper_list.matrix[3][3]         1.0000000000 
_pdbx_struct_oper_list.vector[3]            0.0000000000 
# 
_struct_biol.id        1 
_struct_biol.details   ? 
# 
_struct_conf.conf_type_id            HELX_P 
_struct_conf.id                      HELX_P1 
_struct_conf.pdbx_PDB_helix_id       1 
_struct_conf.beg_label_comp_id       ASP 
_struct_conf.beg_label_asym_id       A 
_struct_conf.beg_label_seq_id        11 
_struct_conf.pdbx_beg_PDB_ins_code   ? 
_struct_conf.end_label_comp_id       ILE 
_struct_conf.end_label_asym_id       A 
_struct_conf.end_label_seq_id        22 
_struct_conf.pdbx_end_PDB_ins_code   ? 
_struct_conf.beg_auth_comp_id        ASP 
_struct_conf.beg_auth_asym_id        L 
_struct_conf.beg_auth_seq_id         11 
_struct_conf.end_auth_comp_id        ILE 
_struct_conf.end_auth_asym_id        L 
_struct_conf.end_auth_seq_id         22 
_struct_conf.pdbx_PDB_helix_class    1 
_struct_conf.details                 ? 
_struct_conf.pdbx_PDB_helix_length   12 
# 
_struct_conf_type.id          HELX_P 
_struct_conf_type.criteria    ? 
_struct_conf_type.reference   ? 
# 
loop_
_struct_conn.id 
_struct_conn.conn_type_id 
_struct_conn.pdbx_leaving_atom_flag 
_struct_conn.pdbx_PDB_id 
_struct_conn.ptnr1_label_asym_id 
_struct_conn.ptnr1_label_comp_id 
_struct_conn.ptnr1_label_seq_id 
_struct_conn.ptnr1_label_atom_id 
_struct_conn.pdbx_ptnr1_label_alt_id 
_struct_conn.pdbx_ptnr1_PDB_ins_code 
_struct_conn.pdbx_ptnr1_standard_comp_id 
_struct_conn.ptnr1_symmetry 
_struct_conn.ptnr2_label_asym_id 
_struct_conn.ptnr2_label_comp_id 
_struct_conn.ptnr2_label_seq_id 
_struct_conn.ptnr2_label_atom_id 
_struct_conn.pdbx_ptnr2_label_alt_id 
_struct_conn.pdbx_ptnr2_PDB_ins_code 
_struct_conn.ptnr1_auth_asym_id 
_struct_conn.ptnr1_auth_comp_id 
_struct_conn.ptnr1_auth_seq_id 
_struct_conn.ptnr2_auth_asym_id 
_struct_conn.ptnr2_auth_comp_id 
_struct_conn.ptnr2_auth_seq_id 
_struct_conn.ptnr2_symmetry 
_struct_conn.pdbx_ptnr3_label_atom_id 
_struct_conn.pdbx_ptnr3_label_seq_id 
_struct_conn.pdbx_ptnr3_label_comp_id 
_struct_conn.pdbx_ptnr3_label_asym_id 
_struct_conn.pdbx_ptnr3_label_alt_id 
_struct_conn.pdbx_ptnr3_PDB_ins_code 
_struct_conn.details 
_struct_conn.pdbx_dist_value 
_struct_conn.pdbx_value_order 
_struct_conn.pdbx_role 
disulf1 disulf ? ? A CYS 4  SG ? ? ? 1_555 A CYS 30 SG ? ? L CYS 4  L CYS 30 1_555 ? ? ? ? ? ? ? 2.024 ? ? 
disulf2 disulf ? ? A CYS 15 SG ? ? ? 1_555 A CYS 37 SG ? ? L CYS 15 L CYS 37 1_555 ? ? ? ? ? ? ? 2.040 ? ? 
disulf3 disulf ? ? A CYS 19 SG ? ? ? 1_555 A CYS 39 SG ? ? L CYS 19 L CYS 39 1_555 ? ? ? ? ? ? ? 2.020 ? ? 
# 
_struct_conn_type.id          disulf 
_struct_conn_type.criteria    ? 
_struct_conn_type.reference   ? 
# 
loop_
_pdbx_modification_feature.ordinal 
_pdbx_modification_feature.label_comp_id 
_pdbx_modification_feature.label_asym_id 
_pdbx_modification_feature.label_seq_id 
_pdbx_modification_feature.label_alt_id 
_pdbx_modification_feature.modified_residue_label_comp_id 
_pdbx_modification_feature.modified_residue_label_asym_id 
_pdbx_modification_feature.modified_residue_label_seq_id 
_pdbx_modification_feature.modified_residue_label_alt_id 
_pdbx_modification_feature.auth_comp_id 
_pdbx_modification_feature.auth_asym_id 
_pdbx_modification_feature.auth_seq_id 
_pdbx_modification_feature.PDB_ins_code 
_pdbx_modification_feature.symmetry 
_pdbx_modification_feature.modified_residue_auth_comp_id 
_pdbx_modification_feature.modified_residue_auth_asym_id 
_pdbx_modification_feature.modified_residue_auth_seq_id 
_pdbx_modification_feature.modified_residue_PDB_ins_code 
_pdbx_modification_feature.modified_residue_symmetry 
_pdbx_modification_feature.comp_id_linking_atom 
_pdbx_modification_feature.modified_residue_id_linking_atom 
_pdbx_modification_feature.modified_residue_id 
_pdbx_modification_feature.ref_pcm_id 
_pdbx_modification_feature.ref_comp_id 
_pdbx_modification_feature.type 
_pdbx_modification_feature.category 
1 CYS A 4  ? CYS A 30 ? CYS L 4  ? 1_555 CYS L 30 ? 1_555 SG SG . . . None 'Disulfide bridge' 
2 CYS A 15 ? CYS A 37 ? CYS L 15 ? 1_555 CYS L 37 ? 1_555 SG SG . . . None 'Disulfide bridge' 
3 CYS A 19 ? CYS A 39 ? CYS L 19 ? 1_555 CYS L 39 ? 1_555 SG SG . . . None 'Disulfide bridge' 
# 
_struct_sheet.id               A 
_struct_sheet.type             ? 
_struct_sheet.number_strands   2 
_struct_sheet.details          ? 
# 
_struct_sheet_order.sheet_id     A 
_struct_sheet_order.range_id_1   1 
_struct_sheet_order.range_id_2   2 
_struct_sheet_order.offset       ? 
_struct_sheet_order.sense        anti-parallel 
# 
loop_
_struct_sheet_range.sheet_id 
_struct_sheet_range.id 
_struct_sheet_range.beg_label_comp_id 
_struct_sheet_range.beg_label_asym_id 
_struct_sheet_range.beg_label_seq_id 
_struct_sheet_range.pdbx_beg_PDB_ins_code 
_struct_sheet_range.end_label_comp_id 
_struct_sheet_range.end_label_asym_id 
_struct_sheet_range.end_label_seq_id 
_struct_sheet_range.pdbx_end_PDB_ins_code 
_struct_sheet_range.beg_auth_comp_id 
_struct_sheet_range.beg_auth_asym_id 
_struct_sheet_range.beg_auth_seq_id 
_struct_sheet_range.end_auth_comp_id 
_struct_sheet_range.end_auth_asym_id 
_struct_sheet_range.end_auth_seq_id 
A 1 GLY A 27 ? ALA A 31 ? GLY L 27 ALA L 31 
A 2 VAL A 36 ? TYR A 40 ? VAL L 36 TYR L 40 
# 
_pdbx_struct_sheet_hbond.sheet_id                A 
_pdbx_struct_sheet_hbond.range_id_1              1 
_pdbx_struct_sheet_hbond.range_id_2              2 
_pdbx_struct_sheet_hbond.range_1_label_atom_id   N 
_pdbx_struct_sheet_hbond.range_1_label_comp_id   TYR 
_pdbx_struct_sheet_hbond.range_1_label_asym_id   A 
_pdbx_struct_sheet_hbond.range_1_label_seq_id    29 
_pdbx_struct_sheet_hbond.range_1_PDB_ins_code    ? 
_pdbx_struct_sheet_hbond.range_1_auth_atom_id    N 
_pdbx_struct_sheet_hbond.range_1_auth_comp_id    TYR 
_pdbx_struct_sheet_hbond.range_1_auth_asym_id    L 
_pdbx_struct_sheet_hbond.range_1_auth_seq_id     29 
_pdbx_struct_sheet_hbond.range_2_label_atom_id   O 
_pdbx_struct_sheet_hbond.range_2_label_comp_id   LYS 
_pdbx_struct_sheet_hbond.range_2_label_asym_id   A 
_pdbx_struct_sheet_hbond.range_2_label_seq_id    38 
_pdbx_struct_sheet_hbond.range_2_PDB_ins_code    ? 
_pdbx_struct_sheet_hbond.range_2_auth_atom_id    O 
_pdbx_struct_sheet_hbond.range_2_auth_comp_id    LYS 
_pdbx_struct_sheet_hbond.range_2_auth_asym_id    L 
_pdbx_struct_sheet_hbond.range_2_auth_seq_id     38 
# 
_pdbx_entry_details.entry_id                   3E7R 
_pdbx_entry_details.compound_details           ? 
_pdbx_entry_details.source_details             ? 
_pdbx_entry_details.nonpolymer_details         ? 
_pdbx_entry_details.sequence_details           ? 
_pdbx_entry_details.has_ligand_of_interest     ? 
_pdbx_entry_details.has_protein_modification   Y 
# 
_pdbx_validate_rmsd_angle.id                         1 
_pdbx_validate_rmsd_angle.PDB_model_num              1 
_pdbx_validate_rmsd_angle.auth_atom_id_1             CB 
_pdbx_validate_rmsd_angle.auth_asym_id_1             L 
_pdbx_validate_rmsd_angle.auth_comp_id_1             ASP 
_pdbx_validate_rmsd_angle.auth_seq_id_1              12 
_pdbx_validate_rmsd_angle.PDB_ins_code_1             ? 
_pdbx_validate_rmsd_angle.label_alt_id_1             ? 
_pdbx_validate_rmsd_angle.auth_atom_id_2             CG 
_pdbx_validate_rmsd_angle.auth_asym_id_2             L 
_pdbx_validate_rmsd_angle.auth_comp_id_2             ASP 
_pdbx_validate_rmsd_angle.auth_seq_id_2              12 
_pdbx_validate_rmsd_angle.PDB_ins_code_2             ? 
_pdbx_validate_rmsd_angle.label_alt_id_2             ? 
_pdbx_validate_rmsd_angle.auth_atom_id_3             OD1 
_pdbx_validate_rmsd_angle.auth_asym_id_3             L 
_pdbx_validate_rmsd_angle.auth_comp_id_3             ASP 
_pdbx_validate_rmsd_angle.auth_seq_id_3              12 
_pdbx_validate_rmsd_angle.PDB_ins_code_3             ? 
_pdbx_validate_rmsd_angle.label_alt_id_3             ? 
_pdbx_validate_rmsd_angle.angle_value                124.95 
_pdbx_validate_rmsd_angle.angle_target_value         118.30 
_pdbx_validate_rmsd_angle.angle_deviation            6.65 
_pdbx_validate_rmsd_angle.angle_standard_deviation   0.90 
_pdbx_validate_rmsd_angle.linker_flag                N 
# 
_pdbx_validate_torsion.id              1 
_pdbx_validate_torsion.PDB_model_num   1 
_pdbx_validate_torsion.auth_comp_id    ASP 
_pdbx_validate_torsion.auth_asym_id    L 
_pdbx_validate_torsion.auth_seq_id     9 
_pdbx_validate_torsion.PDB_ins_code    ? 
_pdbx_validate_torsion.label_alt_id    ? 
_pdbx_validate_torsion.phi             -151.19 
_pdbx_validate_torsion.psi             72.01 
# 
loop_
_chem_comp_atom.comp_id 
_chem_comp_atom.atom_id 
_chem_comp_atom.type_symbol 
_chem_comp_atom.pdbx_aromatic_flag 
_chem_comp_atom.pdbx_stereo_config 
_chem_comp_atom.pdbx_ordinal 
ALA N    N N N 1   
ALA CA   C N S 2   
ALA C    C N N 3   
ALA O    O N N 4   
ALA CB   C N N 5   
ALA OXT  O N N 6   
ALA H    H N N 7   
ALA H2   H N N 8   
ALA HA   H N N 9   
ALA HB1  H N N 10  
ALA HB2  H N N 11  
ALA HB3  H N N 12  
ALA HXT  H N N 13  
ASN N    N N N 14  
ASN CA   C N S 15  
ASN C    C N N 16  
ASN O    O N N 17  
ASN CB   C N N 18  
ASN CG   C N N 19  
ASN OD1  O N N 20  
ASN ND2  N N N 21  
ASN OXT  O N N 22  
ASN H    H N N 23  
ASN H2   H N N 24  
ASN HA   H N N 25  
ASN HB2  H N N 26  
ASN HB3  H N N 27  
ASN HD21 H N N 28  
ASN HD22 H N N 29  
ASN HXT  H N N 30  
ASP N    N N N 31  
ASP CA   C N S 32  
ASP C    C N N 33  
ASP O    O N N 34  
ASP CB   C N N 35  
ASP CG   C N N 36  
ASP OD1  O N N 37  
ASP OD2  O N N 38  
ASP OXT  O N N 39  
ASP H    H N N 40  
ASP H2   H N N 41  
ASP HA   H N N 42  
ASP HB2  H N N 43  
ASP HB3  H N N 44  
ASP HD2  H N N 45  
ASP HXT  H N N 46  
CYS N    N N N 47  
CYS CA   C N R 48  
CYS C    C N N 49  
CYS O    O N N 50  
CYS CB   C N N 51  
CYS SG   S N N 52  
CYS OXT  O N N 53  
CYS H    H N N 54  
CYS H2   H N N 55  
CYS HA   H N N 56  
CYS HB2  H N N 57  
CYS HB3  H N N 58  
CYS HG   H N N 59  
CYS HXT  H N N 60  
GLN N    N N N 61  
GLN CA   C N S 62  
GLN C    C N N 63  
GLN O    O N N 64  
GLN CB   C N N 65  
GLN CG   C N N 66  
GLN CD   C N N 67  
GLN OE1  O N N 68  
GLN NE2  N N N 69  
GLN OXT  O N N 70  
GLN H    H N N 71  
GLN H2   H N N 72  
GLN HA   H N N 73  
GLN HB2  H N N 74  
GLN HB3  H N N 75  
GLN HG2  H N N 76  
GLN HG3  H N N 77  
GLN HE21 H N N 78  
GLN HE22 H N N 79  
GLN HXT  H N N 80  
GLU N    N N N 81  
GLU CA   C N S 82  
GLU C    C N N 83  
GLU O    O N N 84  
GLU CB   C N N 85  
GLU CG   C N N 86  
GLU CD   C N N 87  
GLU OE1  O N N 88  
GLU OE2  O N N 89  
GLU OXT  O N N 90  
GLU H    H N N 91  
GLU H2   H N N 92  
GLU HA   H N N 93  
GLU HB2  H N N 94  
GLU HB3  H N N 95  
GLU HG2  H N N 96  
GLU HG3  H N N 97  
GLU HE2  H N N 98  
GLU HXT  H N N 99  
GLY N    N N N 100 
GLY CA   C N N 101 
GLY C    C N N 102 
GLY O    O N N 103 
GLY OXT  O N N 104 
GLY H    H N N 105 
GLY H2   H N N 106 
GLY HA2  H N N 107 
GLY HA3  H N N 108 
GLY HXT  H N N 109 
HIS N    N N N 110 
HIS CA   C N S 111 
HIS C    C N N 112 
HIS O    O N N 113 
HIS CB   C N N 114 
HIS CG   C Y N 115 
HIS ND1  N Y N 116 
HIS CD2  C Y N 117 
HIS CE1  C Y N 118 
HIS NE2  N Y N 119 
HIS OXT  O N N 120 
HIS H    H N N 121 
HIS H2   H N N 122 
HIS HA   H N N 123 
HIS HB2  H N N 124 
HIS HB3  H N N 125 
HIS HD1  H N N 126 
HIS HD2  H N N 127 
HIS HE1  H N N 128 
HIS HE2  H N N 129 
HIS HXT  H N N 130 
HOH O    O N N 131 
HOH H1   H N N 132 
HOH H2   H N N 133 
ILE N    N N N 134 
ILE CA   C N S 135 
ILE C    C N N 136 
ILE O    O N N 137 
ILE CB   C N S 138 
ILE CG1  C N N 139 
ILE CG2  C N N 140 
ILE CD1  C N N 141 
ILE OXT  O N N 142 
ILE H    H N N 143 
ILE H2   H N N 144 
ILE HA   H N N 145 
ILE HB   H N N 146 
ILE HG12 H N N 147 
ILE HG13 H N N 148 
ILE HG21 H N N 149 
ILE HG22 H N N 150 
ILE HG23 H N N 151 
ILE HD11 H N N 152 
ILE HD12 H N N 153 
ILE HD13 H N N 154 
ILE HXT  H N N 155 
LYS N    N N N 156 
LYS CA   C N S 157 
LYS C    C N N 158 
LYS O    O N N 159 
LYS CB   C N N 160 
LYS CG   C N N 161 
LYS CD   C N N 162 
LYS CE   C N N 163 
LYS NZ   N N N 164 
LYS OXT  O N N 165 
LYS H    H N N 166 
LYS H2   H N N 167 
LYS HA   H N N 168 
LYS HB2  H N N 169 
LYS HB3  H N N 170 
LYS HG2  H N N 171 
LYS HG3  H N N 172 
LYS HD2  H N N 173 
LYS HD3  H N N 174 
LYS HE2  H N N 175 
LYS HE3  H N N 176 
LYS HZ1  H N N 177 
LYS HZ2  H N N 178 
LYS HZ3  H N N 179 
LYS HXT  H N N 180 
MET N    N N N 181 
MET CA   C N S 182 
MET C    C N N 183 
MET O    O N N 184 
MET CB   C N N 185 
MET CG   C N N 186 
MET SD   S N N 187 
MET CE   C N N 188 
MET OXT  O N N 189 
MET H    H N N 190 
MET H2   H N N 191 
MET HA   H N N 192 
MET HB2  H N N 193 
MET HB3  H N N 194 
MET HG2  H N N 195 
MET HG3  H N N 196 
MET HE1  H N N 197 
MET HE2  H N N 198 
MET HE3  H N N 199 
MET HXT  H N N 200 
PHE N    N N N 201 
PHE CA   C N S 202 
PHE C    C N N 203 
PHE O    O N N 204 
PHE CB   C N N 205 
PHE CG   C Y N 206 
PHE CD1  C Y N 207 
PHE CD2  C Y N 208 
PHE CE1  C Y N 209 
PHE CE2  C Y N 210 
PHE CZ   C Y N 211 
PHE OXT  O N N 212 
PHE H    H N N 213 
PHE H2   H N N 214 
PHE HA   H N N 215 
PHE HB2  H N N 216 
PHE HB3  H N N 217 
PHE HD1  H N N 218 
PHE HD2  H N N 219 
PHE HE1  H N N 220 
PHE HE2  H N N 221 
PHE HZ   H N N 222 
PHE HXT  H N N 223 
PRO N    N N N 224 
PRO CA   C N S 225 
PRO C    C N N 226 
PRO O    O N N 227 
PRO CB   C N N 228 
PRO CG   C N N 229 
PRO CD   C N N 230 
PRO OXT  O N N 231 
PRO H    H N N 232 
PRO HA   H N N 233 
PRO HB2  H N N 234 
PRO HB3  H N N 235 
PRO HG2  H N N 236 
PRO HG3  H N N 237 
PRO HD2  H N N 238 
PRO HD3  H N N 239 
PRO HXT  H N N 240 
SER N    N N N 241 
SER CA   C N S 242 
SER C    C N N 243 
SER O    O N N 244 
SER CB   C N N 245 
SER OG   O N N 246 
SER OXT  O N N 247 
SER H    H N N 248 
SER H2   H N N 249 
SER HA   H N N 250 
SER HB2  H N N 251 
SER HB3  H N N 252 
SER HG   H N N 253 
SER HXT  H N N 254 
TRP N    N N N 255 
TRP CA   C N S 256 
TRP C    C N N 257 
TRP O    O N N 258 
TRP CB   C N N 259 
TRP CG   C Y N 260 
TRP CD1  C Y N 261 
TRP CD2  C Y N 262 
TRP NE1  N Y N 263 
TRP CE2  C Y N 264 
TRP CE3  C Y N 265 
TRP CZ2  C Y N 266 
TRP CZ3  C Y N 267 
TRP CH2  C Y N 268 
TRP OXT  O N N 269 
TRP H    H N N 270 
TRP H2   H N N 271 
TRP HA   H N N 272 
TRP HB2  H N N 273 
TRP HB3  H N N 274 
TRP HD1  H N N 275 
TRP HE1  H N N 276 
TRP HE3  H N N 277 
TRP HZ2  H N N 278 
TRP HZ3  H N N 279 
TRP HH2  H N N 280 
TRP HXT  H N N 281 
TYR N    N N N 282 
TYR CA   C N S 283 
TYR C    C N N 284 
TYR O    O N N 285 
TYR CB   C N N 286 
TYR CG   C Y N 287 
TYR CD1  C Y N 288 
TYR CD2  C Y N 289 
TYR CE1  C Y N 290 
TYR CE2  C Y N 291 
TYR CZ   C Y N 292 
TYR OH   O N N 293 
TYR OXT  O N N 294 
TYR H    H N N 295 
TYR H2   H N N 296 
TYR HA   H N N 297 
TYR HB2  H N N 298 
TYR HB3  H N N 299 
TYR HD1  H N N 300 
TYR HD2  H N N 301 
TYR HE1  H N N 302 
TYR HE2  H N N 303 
TYR HH   H N N 304 
TYR HXT  H N N 305 
VAL N    N N N 306 
VAL CA   C N S 307 
VAL C    C N N 308 
VAL O    O N N 309 
VAL CB   C N N 310 
VAL CG1  C N N 311 
VAL CG2  C N N 312 
VAL OXT  O N N 313 
VAL H    H N N 314 
VAL H2   H N N 315 
VAL HA   H N N 316 
VAL HB   H N N 317 
VAL HG11 H N N 318 
VAL HG12 H N N 319 
VAL HG13 H N N 320 
VAL HG21 H N N 321 
VAL HG22 H N N 322 
VAL HG23 H N N 323 
VAL HXT  H N N 324 
# 
loop_
_chem_comp_bond.comp_id 
_chem_comp_bond.atom_id_1 
_chem_comp_bond.atom_id_2 
_chem_comp_bond.value_order 
_chem_comp_bond.pdbx_aromatic_flag 
_chem_comp_bond.pdbx_stereo_config 
_chem_comp_bond.pdbx_ordinal 
ALA N   CA   sing N N 1   
ALA N   H    sing N N 2   
ALA N   H2   sing N N 3   
ALA CA  C    sing N N 4   
ALA CA  CB   sing N N 5   
ALA CA  HA   sing N N 6   
ALA C   O    doub N N 7   
ALA C   OXT  sing N N 8   
ALA CB  HB1  sing N N 9   
ALA CB  HB2  sing N N 10  
ALA CB  HB3  sing N N 11  
ALA OXT HXT  sing N N 12  
ASN N   CA   sing N N 13  
ASN N   H    sing N N 14  
ASN N   H2   sing N N 15  
ASN CA  C    sing N N 16  
ASN CA  CB   sing N N 17  
ASN CA  HA   sing N N 18  
ASN C   O    doub N N 19  
ASN C   OXT  sing N N 20  
ASN CB  CG   sing N N 21  
ASN CB  HB2  sing N N 22  
ASN CB  HB3  sing N N 23  
ASN CG  OD1  doub N N 24  
ASN CG  ND2  sing N N 25  
ASN ND2 HD21 sing N N 26  
ASN ND2 HD22 sing N N 27  
ASN OXT HXT  sing N N 28  
ASP N   CA   sing N N 29  
ASP N   H    sing N N 30  
ASP N   H2   sing N N 31  
ASP CA  C    sing N N 32  
ASP CA  CB   sing N N 33  
ASP CA  HA   sing N N 34  
ASP C   O    doub N N 35  
ASP C   OXT  sing N N 36  
ASP CB  CG   sing N N 37  
ASP CB  HB2  sing N N 38  
ASP CB  HB3  sing N N 39  
ASP CG  OD1  doub N N 40  
ASP CG  OD2  sing N N 41  
ASP OD2 HD2  sing N N 42  
ASP OXT HXT  sing N N 43  
CYS N   CA   sing N N 44  
CYS N   H    sing N N 45  
CYS N   H2   sing N N 46  
CYS CA  C    sing N N 47  
CYS CA  CB   sing N N 48  
CYS CA  HA   sing N N 49  
CYS C   O    doub N N 50  
CYS C   OXT  sing N N 51  
CYS CB  SG   sing N N 52  
CYS CB  HB2  sing N N 53  
CYS CB  HB3  sing N N 54  
CYS SG  HG   sing N N 55  
CYS OXT HXT  sing N N 56  
GLN N   CA   sing N N 57  
GLN N   H    sing N N 58  
GLN N   H2   sing N N 59  
GLN CA  C    sing N N 60  
GLN CA  CB   sing N N 61  
GLN CA  HA   sing N N 62  
GLN C   O    doub N N 63  
GLN C   OXT  sing N N 64  
GLN CB  CG   sing N N 65  
GLN CB  HB2  sing N N 66  
GLN CB  HB3  sing N N 67  
GLN CG  CD   sing N N 68  
GLN CG  HG2  sing N N 69  
GLN CG  HG3  sing N N 70  
GLN CD  OE1  doub N N 71  
GLN CD  NE2  sing N N 72  
GLN NE2 HE21 sing N N 73  
GLN NE2 HE22 sing N N 74  
GLN OXT HXT  sing N N 75  
GLU N   CA   sing N N 76  
GLU N   H    sing N N 77  
GLU N   H2   sing N N 78  
GLU CA  C    sing N N 79  
GLU CA  CB   sing N N 80  
GLU CA  HA   sing N N 81  
GLU C   O    doub N N 82  
GLU C   OXT  sing N N 83  
GLU CB  CG   sing N N 84  
GLU CB  HB2  sing N N 85  
GLU CB  HB3  sing N N 86  
GLU CG  CD   sing N N 87  
GLU CG  HG2  sing N N 88  
GLU CG  HG3  sing N N 89  
GLU CD  OE1  doub N N 90  
GLU CD  OE2  sing N N 91  
GLU OE2 HE2  sing N N 92  
GLU OXT HXT  sing N N 93  
GLY N   CA   sing N N 94  
GLY N   H    sing N N 95  
GLY N   H2   sing N N 96  
GLY CA  C    sing N N 97  
GLY CA  HA2  sing N N 98  
GLY CA  HA3  sing N N 99  
GLY C   O    doub N N 100 
GLY C   OXT  sing N N 101 
GLY OXT HXT  sing N N 102 
HIS N   CA   sing N N 103 
HIS N   H    sing N N 104 
HIS N   H2   sing N N 105 
HIS CA  C    sing N N 106 
HIS CA  CB   sing N N 107 
HIS CA  HA   sing N N 108 
HIS C   O    doub N N 109 
HIS C   OXT  sing N N 110 
HIS CB  CG   sing N N 111 
HIS CB  HB2  sing N N 112 
HIS CB  HB3  sing N N 113 
HIS CG  ND1  sing Y N 114 
HIS CG  CD2  doub Y N 115 
HIS ND1 CE1  doub Y N 116 
HIS ND1 HD1  sing N N 117 
HIS CD2 NE2  sing Y N 118 
HIS CD2 HD2  sing N N 119 
HIS CE1 NE2  sing Y N 120 
HIS CE1 HE1  sing N N 121 
HIS NE2 HE2  sing N N 122 
HIS OXT HXT  sing N N 123 
HOH O   H1   sing N N 124 
HOH O   H2   sing N N 125 
ILE N   CA   sing N N 126 
ILE N   H    sing N N 127 
ILE N   H2   sing N N 128 
ILE CA  C    sing N N 129 
ILE CA  CB   sing N N 130 
ILE CA  HA   sing N N 131 
ILE C   O    doub N N 132 
ILE C   OXT  sing N N 133 
ILE CB  CG1  sing N N 134 
ILE CB  CG2  sing N N 135 
ILE CB  HB   sing N N 136 
ILE CG1 CD1  sing N N 137 
ILE CG1 HG12 sing N N 138 
ILE CG1 HG13 sing N N 139 
ILE CG2 HG21 sing N N 140 
ILE CG2 HG22 sing N N 141 
ILE CG2 HG23 sing N N 142 
ILE CD1 HD11 sing N N 143 
ILE CD1 HD12 sing N N 144 
ILE CD1 HD13 sing N N 145 
ILE OXT HXT  sing N N 146 
LYS N   CA   sing N N 147 
LYS N   H    sing N N 148 
LYS N   H2   sing N N 149 
LYS CA  C    sing N N 150 
LYS CA  CB   sing N N 151 
LYS CA  HA   sing N N 152 
LYS C   O    doub N N 153 
LYS C   OXT  sing N N 154 
LYS CB  CG   sing N N 155 
LYS CB  HB2  sing N N 156 
LYS CB  HB3  sing N N 157 
LYS CG  CD   sing N N 158 
LYS CG  HG2  sing N N 159 
LYS CG  HG3  sing N N 160 
LYS CD  CE   sing N N 161 
LYS CD  HD2  sing N N 162 
LYS CD  HD3  sing N N 163 
LYS CE  NZ   sing N N 164 
LYS CE  HE2  sing N N 165 
LYS CE  HE3  sing N N 166 
LYS NZ  HZ1  sing N N 167 
LYS NZ  HZ2  sing N N 168 
LYS NZ  HZ3  sing N N 169 
LYS OXT HXT  sing N N 170 
MET N   CA   sing N N 171 
MET N   H    sing N N 172 
MET N   H2   sing N N 173 
MET CA  C    sing N N 174 
MET CA  CB   sing N N 175 
MET CA  HA   sing N N 176 
MET C   O    doub N N 177 
MET C   OXT  sing N N 178 
MET CB  CG   sing N N 179 
MET CB  HB2  sing N N 180 
MET CB  HB3  sing N N 181 
MET CG  SD   sing N N 182 
MET CG  HG2  sing N N 183 
MET CG  HG3  sing N N 184 
MET SD  CE   sing N N 185 
MET CE  HE1  sing N N 186 
MET CE  HE2  sing N N 187 
MET CE  HE3  sing N N 188 
MET OXT HXT  sing N N 189 
PHE N   CA   sing N N 190 
PHE N   H    sing N N 191 
PHE N   H2   sing N N 192 
PHE CA  C    sing N N 193 
PHE CA  CB   sing N N 194 
PHE CA  HA   sing N N 195 
PHE C   O    doub N N 196 
PHE C   OXT  sing N N 197 
PHE CB  CG   sing N N 198 
PHE CB  HB2  sing N N 199 
PHE CB  HB3  sing N N 200 
PHE CG  CD1  doub Y N 201 
PHE CG  CD2  sing Y N 202 
PHE CD1 CE1  sing Y N 203 
PHE CD1 HD1  sing N N 204 
PHE CD2 CE2  doub Y N 205 
PHE CD2 HD2  sing N N 206 
PHE CE1 CZ   doub Y N 207 
PHE CE1 HE1  sing N N 208 
PHE CE2 CZ   sing Y N 209 
PHE CE2 HE2  sing N N 210 
PHE CZ  HZ   sing N N 211 
PHE OXT HXT  sing N N 212 
PRO N   CA   sing N N 213 
PRO N   CD   sing N N 214 
PRO N   H    sing N N 215 
PRO CA  C    sing N N 216 
PRO CA  CB   sing N N 217 
PRO CA  HA   sing N N 218 
PRO C   O    doub N N 219 
PRO C   OXT  sing N N 220 
PRO CB  CG   sing N N 221 
PRO CB  HB2  sing N N 222 
PRO CB  HB3  sing N N 223 
PRO CG  CD   sing N N 224 
PRO CG  HG2  sing N N 225 
PRO CG  HG3  sing N N 226 
PRO CD  HD2  sing N N 227 
PRO CD  HD3  sing N N 228 
PRO OXT HXT  sing N N 229 
SER N   CA   sing N N 230 
SER N   H    sing N N 231 
SER N   H2   sing N N 232 
SER CA  C    sing N N 233 
SER CA  CB   sing N N 234 
SER CA  HA   sing N N 235 
SER C   O    doub N N 236 
SER C   OXT  sing N N 237 
SER CB  OG   sing N N 238 
SER CB  HB2  sing N N 239 
SER CB  HB3  sing N N 240 
SER OG  HG   sing N N 241 
SER OXT HXT  sing N N 242 
TRP N   CA   sing N N 243 
TRP N   H    sing N N 244 
TRP N   H2   sing N N 245 
TRP CA  C    sing N N 246 
TRP CA  CB   sing N N 247 
TRP CA  HA   sing N N 248 
TRP C   O    doub N N 249 
TRP C   OXT  sing N N 250 
TRP CB  CG   sing N N 251 
TRP CB  HB2  sing N N 252 
TRP CB  HB3  sing N N 253 
TRP CG  CD1  doub Y N 254 
TRP CG  CD2  sing Y N 255 
TRP CD1 NE1  sing Y N 256 
TRP CD1 HD1  sing N N 257 
TRP CD2 CE2  doub Y N 258 
TRP CD2 CE3  sing Y N 259 
TRP NE1 CE2  sing Y N 260 
TRP NE1 HE1  sing N N 261 
TRP CE2 CZ2  sing Y N 262 
TRP CE3 CZ3  doub Y N 263 
TRP CE3 HE3  sing N N 264 
TRP CZ2 CH2  doub Y N 265 
TRP CZ2 HZ2  sing N N 266 
TRP CZ3 CH2  sing Y N 267 
TRP CZ3 HZ3  sing N N 268 
TRP CH2 HH2  sing N N 269 
TRP OXT HXT  sing N N 270 
TYR N   CA   sing N N 271 
TYR N   H    sing N N 272 
TYR N   H2   sing N N 273 
TYR CA  C    sing N N 274 
TYR CA  CB   sing N N 275 
TYR CA  HA   sing N N 276 
TYR C   O    doub N N 277 
TYR C   OXT  sing N N 278 
TYR CB  CG   sing N N 279 
TYR CB  HB2  sing N N 280 
TYR CB  HB3  sing N N 281 
TYR CG  CD1  doub Y N 282 
TYR CG  CD2  sing Y N 283 
TYR CD1 CE1  sing Y N 284 
TYR CD1 HD1  sing N N 285 
TYR CD2 CE2  doub Y N 286 
TYR CD2 HD2  sing N N 287 
TYR CE1 CZ   doub Y N 288 
TYR CE1 HE1  sing N N 289 
TYR CE2 CZ   sing Y N 290 
TYR CE2 HE2  sing N N 291 
TYR CZ  OH   sing N N 292 
TYR OH  HH   sing N N 293 
TYR OXT HXT  sing N N 294 
VAL N   CA   sing N N 295 
VAL N   H    sing N N 296 
VAL N   H2   sing N N 297 
VAL CA  C    sing N N 298 
VAL CA  CB   sing N N 299 
VAL CA  HA   sing N N 300 
VAL C   O    doub N N 301 
VAL C   OXT  sing N N 302 
VAL CB  CG1  sing N N 303 
VAL CB  CG2  sing N N 304 
VAL CB  HB   sing N N 305 
VAL CG1 HG11 sing N N 306 
VAL CG1 HG12 sing N N 307 
VAL CG1 HG13 sing N N 308 
VAL CG2 HG21 sing N N 309 
VAL CG2 HG22 sing N N 310 
VAL CG2 HG23 sing N N 311 
VAL OXT HXT  sing N N 312 
# 
_atom_sites.entry_id                    3E7R 
_atom_sites.fract_transf_matrix[1][1]   0.00544306 
_atom_sites.fract_transf_matrix[1][2]   0.01189770 
_atom_sites.fract_transf_matrix[1][3]   0.04119375 
_atom_sites.fract_transf_matrix[2][1]   -0.04324016 
_atom_sites.fract_transf_matrix[2][2]   0.00290021 
_atom_sites.fract_transf_matrix[2][3]   0.01312073 
_atom_sites.fract_transf_matrix[3][1]   -0.01290871 
_atom_sites.fract_transf_matrix[3][2]   -0.03730983 
_atom_sites.fract_transf_matrix[3][3]   0.01894480 
_atom_sites.fract_transf_vector[1]      -0.256120 
_atom_sites.fract_transf_vector[2]      0.686695 
_atom_sites.fract_transf_vector[3]      -0.044889 
# 
loop_
_atom_type.symbol 
C 
N 
O 
S 
# 
loop_
_atom_site.group_PDB 
_atom_site.id 
_atom_site.type_symbol 
_atom_site.label_atom_id 
_atom_site.label_alt_id 
_atom_site.label_comp_id 
_atom_site.label_asym_id 
_atom_site.label_entity_id 
_atom_site.label_seq_id 
_atom_site.pdbx_PDB_ins_code 
_atom_site.Cartn_x 
_atom_site.Cartn_y 
_atom_site.Cartn_z 
_atom_site.occupancy 
_atom_site.B_iso_or_equiv 
_atom_site.pdbx_formal_charge 
_atom_site.auth_seq_id 
_atom_site.auth_comp_id 
_atom_site.auth_asym_id 
_atom_site.auth_atom_id 
_atom_site.pdbx_PDB_model_num 
ATOM   1   N N   . GLY A 1 1  ? 4.474   1.626   -5.753 1.00 13.77 ? 1  GLY L N   1 
ATOM   2   C CA  . GLY A 1 1  ? 3.238   1.844   -6.519 1.00 13.43 ? 1  GLY L CA  1 
ATOM   3   C C   . GLY A 1 1  ? 2.023   1.916   -5.603 1.00 9.95  ? 1  GLY L C   1 
ATOM   4   O O   . GLY A 1 1  ? 2.158   1.812   -4.396 1.00 9.62  ? 1  GLY L O   1 
ATOM   5   N N   . PHE A 1 2  ? 0.857   2.182   -6.210 1.00 10.65 ? 2  PHE L N   1 
ATOM   6   C CA  . PHE A 1 2  ? -0.414  2.212   -5.498 1.00 10.53 ? 2  PHE L CA  1 
ATOM   7   C C   . PHE A 1 2  ? -0.371  3.177   -4.325 1.00 9.58  ? 2  PHE L C   1 
ATOM   8   O O   . PHE A 1 2  ? -0.946  2.931   -3.272 1.00 11.45 ? 2  PHE L O   1 
ATOM   9   C CB  . PHE A 1 2  ? -0.890  0.808   -5.087 1.00 12.35 ? 2  PHE L CB  1 
ATOM   10  C CG  . PHE A 1 2  ? -0.934  -0.124  -6.262 1.00 12.44 ? 2  PHE L CG  1 
ATOM   11  C CD1 . PHE A 1 2  ? 0.059   -1.068  -6.453 1.00 14.23 ? 2  PHE L CD1 1 
ATOM   12  C CD2 . PHE A 1 2  ? -1.948  0.033   -7.193 1.00 13.94 ? 2  PHE L CD2 1 
ATOM   13  C CE1 . PHE A 1 2  ? 0.049   -1.876  -7.570 1.00 15.53 ? 2  PHE L CE1 1 
ATOM   14  C CE2 . PHE A 1 2  ? -1.973  -0.765  -8.328 1.00 15.05 ? 2  PHE L CE2 1 
ATOM   15  C CZ  . PHE A 1 2  ? -0.943  -1.713  -8.509 1.00 15.90 ? 2  PHE L CZ  1 
ATOM   16  N N   . GLY A 1 3  ? 0.299   4.313   -4.540 1.00 9.70  ? 3  GLY L N   1 
ATOM   17  C CA  . GLY A 1 3  ? 0.402   5.337   -3.509 1.00 10.11 ? 3  GLY L CA  1 
ATOM   18  C C   . GLY A 1 3  ? 1.714   5.345   -2.773 1.00 8.65  ? 3  GLY L C   1 
ATOM   19  O O   . GLY A 1 3  ? 2.027   6.313   -2.074 1.00 9.25  ? 3  GLY L O   1 
ATOM   20  N N   . CYS A 1 4  ? 2.481   4.270   -2.903 1.00 8.03  ? 4  CYS L N   1 
ATOM   21  C CA  . CYS A 1 4  ? 3.729   4.119   -2.167 1.00 8.32  ? 4  CYS L CA  1 
ATOM   22  C C   . CYS A 1 4  ? 4.858   4.607   -3.087 1.00 8.53  ? 4  CYS L C   1 
ATOM   23  O O   . CYS A 1 4  ? 5.300   3.914   -3.996 1.00 9.77  ? 4  CYS L O   1 
ATOM   24  C CB  . CYS A 1 4  ? 3.921   2.691   -1.744 1.00 8.62  ? 4  CYS L CB  1 
ATOM   25  S SG  . CYS A 1 4  ? 2.553   2.086   -0.747 1.00 8.67  ? 4  CYS L SG  1 
ATOM   26  N N   . ASN A 1 5  ? 5.266   5.857   -2.851 1.00 8.82  ? 5  ASN L N   1 
ATOM   27  C CA  . ASN A 1 5  ? 6.208   6.599   -3.680 1.00 10.53 ? 5  ASN L CA  1 
ATOM   28  C C   . ASN A 1 5  ? 7.437   7.002   -2.876 1.00 10.77 ? 5  ASN L C   1 
ATOM   29  O O   . ASN A 1 5  ? 8.039   8.047   -3.079 1.00 12.40 ? 5  ASN L O   1 
ATOM   30  C CB  . ASN A 1 5  ? 5.491   7.775   -4.326 1.00 11.97 ? 5  ASN L CB  1 
ATOM   31  C CG  . ASN A 1 5  ? 4.510   7.314   -5.398 1.00 18.24 ? 5  ASN L CG  1 
ATOM   32  O OD1 . ASN A 1 5  ? 4.818   6.483   -6.236 1.00 25.43 ? 5  ASN L OD1 1 
ATOM   33  N ND2 . ASN A 1 5  ? 3.302   7.850   -5.344 1.00 25.43 ? 5  ASN L ND2 1 
ATOM   34  N N   . GLY A 1 6  ? 7.850   6.115   -1.976 1.00 10.13 ? 6  GLY L N   1 
ATOM   35  C CA  . GLY A 1 6  ? 9.107   6.277   -1.256 1.00 10.67 ? 6  GLY L CA  1 
ATOM   36  C C   . GLY A 1 6  ? 8.841   6.757   0.134  1.00 9.71  ? 6  GLY L C   1 
ATOM   37  O O   . GLY A 1 6  ? 7.693   7.063   0.538  1.00 9.33  ? 6  GLY L O   1 
ATOM   38  N N   . PRO A 1 7  ? 9.915   6.828   0.930  1.00 10.56 ? 7  PRO L N   1 
ATOM   39  C CA  . PRO A 1 7  ? 9.765   7.034   2.366  1.00 11.31 ? 7  PRO L CA  1 
ATOM   40  C C   . PRO A 1 7  ? 9.165   8.380   2.753  1.00 10.71 ? 7  PRO L C   1 
ATOM   41  O O   . PRO A 1 7  ? 8.727   8.553   3.880  1.00 13.31 ? 7  PRO L O   1 
ATOM   42  C CB  . PRO A 1 7  ? 11.236  6.929   2.853  1.00 13.54 ? 7  PRO L CB  1 
ATOM   43  C CG  . PRO A 1 7  ? 12.089  6.991   1.649  1.00 16.47 ? 7  PRO L CG  1 
ATOM   44  C CD  . PRO A 1 7  ? 11.311  6.578   0.488  1.00 12.33 ? 7  PRO L CD  1 
ATOM   45  N N   . TRP A 1 8  ? 9.144   9.324   1.846  1.00 9.05  ? 8  TRP L N   1 
ATOM   46  C CA  . TRP A 1 8  ? 8.618   10.669  2.083  1.00 9.22  ? 8  TRP L CA  1 
ATOM   47  C C   . TRP A 1 8  ? 7.338   10.927  1.328  1.00 8.62  ? 8  TRP L C   1 
ATOM   48  O O   . TRP A 1 8  ? 6.883   12.062  1.298  1.00 8.90  ? 8  TRP L O   1 
ATOM   49  C CB  . TRP A 1 8  ? 9.702   11.699  1.765  1.00 11.07 ? 8  TRP L CB  1 
ATOM   50  C CG  . TRP A 1 8  ? 10.900  11.530  2.671  1.00 11.10 ? 8  TRP L CG  1 
ATOM   51  C CD1 . TRP A 1 8  ? 10.891  11.644  4.003  1.00 12.11 ? 8  TRP L CD1 1 
ATOM   52  C CD2 . TRP A 1 8  ? 12.213  11.174  2.299  1.00 11.38 ? 8  TRP L CD2 1 
ATOM   53  N NE1 . TRP A 1 8  ? 12.151  11.368  4.522  1.00 12.25 ? 8  TRP L NE1 1 
ATOM   54  C CE2 . TRP A 1 8  ? 12.971  11.069  3.469  1.00 11.36 ? 8  TRP L CE2 1 
ATOM   55  C CE3 . TRP A 1 8  ? 12.833  10.888  1.068  1.00 13.45 ? 8  TRP L CE3 1 
ATOM   56  C CZ2 . TRP A 1 8  ? 14.329  10.736  3.459  1.00 13.40 ? 8  TRP L CZ2 1 
ATOM   57  C CZ3 . TRP A 1 8  ? 14.180  10.563  1.054  1.00 15.35 ? 8  TRP L CZ3 1 
ATOM   58  C CH2 . TRP A 1 8  ? 14.912  10.470  2.236  1.00 15.00 ? 8  TRP L CH2 1 
ATOM   59  N N   . ASP A 1 9  ? 6.770   9.897   0.702  1.00 8.55  ? 9  ASP L N   1 
ATOM   60  C CA  . ASP A 1 9  ? 5.575   10.059  -0.106 1.00 8.74  ? 9  ASP L CA  1 
ATOM   61  C C   . ASP A 1 9  ? 4.784   8.749   -0.082 1.00 7.90  ? 9  ASP L C   1 
ATOM   62  O O   . ASP A 1 9  ? 4.767   8.031   -1.059 1.00 9.58  ? 9  ASP L O   1 
ATOM   63  C CB  . ASP A 1 9  ? 5.894   10.512  -1.505 1.00 10.58 ? 9  ASP L CB  1 
ATOM   64  C CG  . ASP A 1 9  ? 4.650   10.908  -2.270 1.00 13.01 ? 9  ASP L CG  1 
ATOM   65  O OD1 . ASP A 1 9  ? 3.525   10.825  -1.735 1.00 13.52 ? 9  ASP L OD1 1 
ATOM   66  O OD2 . ASP A 1 9  ? 4.803   11.266  -3.424 1.00 18.89 ? 9  ASP L OD2 1 
ATOM   67  N N   . GLU A 1 10 ? 4.173   8.463   1.051  1.00 8.26  ? 10 GLU L N   1 
ATOM   68  C CA  . GLU A 1 10 ? 3.466   7.204   1.289  1.00 9.08  ? 10 GLU L CA  1 
ATOM   69  C C   . GLU A 1 10 ? 2.009   7.432   1.510  1.00 8.62  ? 10 GLU L C   1 
ATOM   70  O O   . GLU A 1 10 ? 1.582   7.773   2.624  1.00 9.16  ? 10 GLU L O   1 
ATOM   71  C CB  . GLU A 1 10 ? 4.013   6.413   2.458  1.00 11.26 ? 10 GLU L CB  1 
ATOM   72  C CG  . GLU A 1 10 ? 5.356   5.871   2.148  1.00 12.99 ? 10 GLU L CG  1 
ATOM   73  C CD  . GLU A 1 10 ? 5.973   5.267   3.365  1.00 14.22 ? 10 GLU L CD  1 
ATOM   74  O OE1 . GLU A 1 10 ? 5.975   5.947   4.442  1.00 17.95 ? 10 GLU L OE1 1 
ATOM   75  O OE2 . GLU A 1 10 ? 6.491   4.160   3.311  1.00 14.13 ? 10 GLU L OE2 1 
ATOM   76  N N   . ASP A 1 11 ? 1.200   7.274   0.456  1.00 8.78  ? 11 ASP L N   1 
ATOM   77  C CA  . ASP A 1 11 ? -0.251  7.382   0.570  1.00 8.89  ? 11 ASP L CA  1 
ATOM   78  C C   . ASP A 1 11 ? -0.743  6.018   1.037  1.00 8.40  ? 11 ASP L C   1 
ATOM   79  O O   . ASP A 1 11 ? -1.201  5.187   0.267  1.00 8.58  ? 11 ASP L O   1 
ATOM   80  C CB  . ASP A 1 11 ? -0.855  7.861   -0.751 1.00 9.57  ? 11 ASP L CB  1 
ATOM   81  C CG  . ASP A 1 11 ? -2.340  8.149   -0.653 1.00 10.18 ? 11 ASP L CG  1 
ATOM   82  O OD1 . ASP A 1 11 ? -2.969  7.840   0.373  1.00 11.17 ? 11 ASP L OD1 1 
ATOM   83  O OD2 . ASP A 1 11 ? -2.867  8.661   -1.658 1.00 12.26 ? 11 ASP L OD2 1 
ATOM   84  N N   . ASP A 1 12 ? -0.622  5.773   2.352  1.00 8.87  ? 12 ASP L N   1 
ATOM   85  C CA  . ASP A 1 12 ? -0.970  4.490   2.912  1.00 9.22  ? 12 ASP L CA  1 
ATOM   86  C C   . ASP A 1 12 ? -2.407  4.155   2.680  1.00 8.78  ? 12 ASP L C   1 
ATOM   87  O O   . ASP A 1 12 ? -2.734  2.970   2.528  1.00 9.98  ? 12 ASP L O   1 
ATOM   88  C CB  . ASP A 1 12 ? -0.693  4.437   4.427  1.00 9.30  ? 12 ASP L CB  1 
ATOM   89  C CG  . ASP A 1 12 ? 0.708   4.096   4.755  1.00 10.48 ? 12 ASP L CG  1 
ATOM   90  O OD1 . ASP A 1 12 ? 1.425   3.398   4.082  1.00 11.63 ? 12 ASP L OD1 1 
ATOM   91  O OD2 . ASP A 1 12 ? 1.054   4.379   5.896  1.00 18.75 ? 12 ASP L OD2 1 
ATOM   92  N N   . MET A 1 13 ? -3.296  5.150   2.704  1.00 9.14  ? 13 MET L N   1 
ATOM   93  C CA  . MET A 1 13 ? -4.705  4.819   2.539  1.00 10.08 ? 13 MET L CA  1 
ATOM   94  C C   . MET A 1 13 ? -5.049  4.448   1.122  1.00 8.20  ? 13 MET L C   1 
ATOM   95  O O   . MET A 1 13 ? -5.895  3.566   0.920  1.00 8.22  ? 13 MET L O   1 
ATOM   96  C CB  . MET A 1 13 ? -5.563  6.028   2.982  1.00 12.54 ? 13 MET L CB  1 
ATOM   97  N N   . GLN A 1 14 ? -4.380  5.030   0.117  1.00 8.08  ? 14 GLN L N   1 
ATOM   98  C CA  . GLN A 1 14 ? -4.539  4.554   -1.239 1.00 8.19  ? 14 GLN L CA  1 
ATOM   99  C C   . GLN A 1 14 ? -4.097  3.079   -1.316 1.00 7.17  ? 14 GLN L C   1 
ATOM   100 O O   . GLN A 1 14 ? -4.786  2.243   -1.909 1.00 7.74  ? 14 GLN L O   1 
ATOM   101 C CB  . GLN A 1 14 ? -3.728  5.406   -2.202 1.00 8.92  ? 14 GLN L CB  1 
ATOM   102 C CG  . GLN A 1 14 ? -3.799  4.898   -3.628 1.00 10.33 ? 14 GLN L CG  1 
ATOM   103 C CD  . GLN A 1 14 ? -2.968  5.751   -4.597 1.00 12.30 ? 14 GLN L CD  1 
ATOM   104 O OE1 . GLN A 1 14 ? -2.761  5.301   -5.689 1.00 15.81 ? 14 GLN L OE1 1 
ATOM   105 N NE2 . GLN A 1 14 ? -2.481  6.901   -4.222 1.00 14.32 ? 14 GLN L NE2 1 
ATOM   106 N N   . CYS A 1 15 ? -2.941  2.783   -0.733 1.00 7.16  ? 15 CYS L N   1 
ATOM   107 C CA  . CYS A 1 15 ? -2.447  1.422   -0.770 1.00 7.45  ? 15 CYS L CA  1 
ATOM   108 C C   . CYS A 1 15 ? -3.411  0.462   -0.063 1.00 6.94  ? 15 CYS L C   1 
ATOM   109 O O   . CYS A 1 15 ? -3.730  -0.611  -0.587 1.00 7.65  ? 15 CYS L O   1 
ATOM   110 C CB  . CYS A 1 15 ? -1.059  1.367   -0.180 1.00 7.91  ? 15 CYS L CB  1 
ATOM   111 S SG  . CYS A 1 15 ? -0.431  -0.283  0.180  1.00 8.20  ? 15 CYS L SG  1 
ATOM   112 N N   . HIS A 1 16 ? -3.903  0.831   1.108  1.00 7.68  ? 16 HIS L N   1 
ATOM   113 C CA  . HIS A 1 16 ? -4.846  0.018   1.856  1.00 8.15  ? 16 HIS L CA  1 
ATOM   114 C C   . HIS A 1 16 ? -6.128  -0.233  1.055  1.00 8.15  ? 16 HIS L C   1 
ATOM   115 O O   . HIS A 1 16 ? -6.592  -1.365  0.971  1.00 9.14  ? 16 HIS L O   1 
ATOM   116 C CB  . HIS A 1 16 ? -5.121  0.744   3.165  1.00 8.93  ? 16 HIS L CB  1 
ATOM   117 C CG  . HIS A 1 16 ? -6.068  0.013   4.058  1.00 11.07 ? 16 HIS L CG  1 
ATOM   118 N ND1 . HIS A 1 16 ? -5.799  -1.190  4.674  1.00 13.84 ? 16 HIS L ND1 1 
ATOM   119 C CD2 . HIS A 1 16 ? -7.313  0.356   4.423  1.00 15.74 ? 16 HIS L CD2 1 
ATOM   120 C CE1 . HIS A 1 16 ? -6.847  -1.542  5.406  1.00 17.99 ? 16 HIS L CE1 1 
ATOM   121 N NE2 . HIS A 1 16 ? -7.777  -0.614  5.272  1.00 18.49 ? 16 HIS L NE2 1 
ATOM   122 N N   . ASN A 1 17 ? -6.691  0.835   0.506  1.00 8.18  ? 17 ASN L N   1 
ATOM   123 C CA  . ASN A 1 17 ? -7.922  0.687   -0.300 1.00 8.98  ? 17 ASN L CA  1 
ATOM   124 C C   . ASN A 1 17 ? -7.654  -0.173  -1.523 1.00 8.02  ? 17 ASN L C   1 
ATOM   125 O O   . ASN A 1 17 ? -8.514  -0.980  -1.926 1.00 8.49  ? 17 ASN L O   1 
ATOM   126 C CB  . ASN A 1 17 ? -8.389  2.140   -0.766 1.00 10.79 ? 17 ASN L CB  1 
ATOM   127 C CG  . ASN A 1 17 ? -9.134  2.911   0.199  1.00 12.33 ? 17 ASN L CG  1 
ATOM   128 O OD1 . ASN A 1 17 ? -9.735  2.302   1.129  1.00 15.49 ? 17 ASN L OD1 1 
ATOM   129 N ND2 . ASN A 1 17 ? -9.101  4.275   0.080  1.00 12.82 ? 17 ASN L ND2 1 
ATOM   130 N N   . HIS A 1 18 ? -6.480  -0.013  -2.141 1.00 7.56  ? 18 HIS L N   1 
ATOM   131 C CA  . HIS A 1 18 ? -6.111  -0.867  -3.270 1.00 7.60  ? 18 HIS L CA  1 
ATOM   132 C C   . HIS A 1 18 ? -6.069  -2.304  -2.822 1.00 7.48  ? 18 HIS L C   1 
ATOM   133 O O   . HIS A 1 18 ? -6.651  -3.205  -3.475 1.00 8.29  ? 18 HIS L O   1 
ATOM   134 C CB  . HIS A 1 18 ? -4.740  -0.427  -3.805 1.00 8.17  ? 18 HIS L CB  1 
ATOM   135 C CG  . HIS A 1 18 ? -4.067  -1.504  -4.581 1.00 8.41  ? 18 HIS L CG  1 
ATOM   136 N ND1 . HIS A 1 18 ? -4.447  -1.849  -5.857 1.00 9.63  ? 18 HIS L ND1 1 
ATOM   137 C CD2 . HIS A 1 18 ? -3.085  -2.332  -4.228 1.00 8.92  ? 18 HIS L CD2 1 
ATOM   138 C CE1 . HIS A 1 18 ? -3.686  -2.852  -6.252 1.00 10.99 ? 18 HIS L CE1 1 
ATOM   139 N NE2 . HIS A 1 18 ? -2.847  -3.163  -5.285 1.00 10.29 ? 18 HIS L NE2 1 
ATOM   140 N N   . CYS A 1 19 ? -5.416  -2.615  -1.708 1.00 7.43  ? 19 CYS L N   1 
ATOM   141 C CA  . CYS A 1 19 ? -5.314  -3.983  -1.275 1.00 8.25  ? 19 CYS L CA  1 
ATOM   142 C C   . CYS A 1 19 ? -6.684  -4.577  -1.011 1.00 8.54  ? 19 CYS L C   1 
ATOM   143 O O   . CYS A 1 19 ? -6.940  -5.729  -1.357 1.00 9.24  ? 19 CYS L O   1 
ATOM   144 C CB  . CYS A 1 19 ? -4.433  -4.102  -0.049 1.00 8.55  ? 19 CYS L CB  1 
ATOM   145 S SG  . CYS A 1 19 ? -2.680  -3.749  -0.425 1.00 8.49  ? 19 CYS L SG  1 
ATOM   146 N N   . LYS A 1 20 ? -7.567  -3.818  -0.364 1.00 8.93  ? 20 LYS L N   1 
ATOM   147 C CA  . LYS A 1 20 ? -8.886  -4.366  -0.069 1.00 10.22 ? 20 LYS L CA  1 
ATOM   148 C C   . LYS A 1 20 ? -9.674  -4.666  -1.338 1.00 9.33  ? 20 LYS L C   1 
ATOM   149 O O   . LYS A 1 20 ? -10.540 -5.530  -1.323 1.00 10.87 ? 20 LYS L O   1 
ATOM   150 C CB  . LYS A 1 20 ? -9.650  -3.407  0.816  1.00 12.31 ? 20 LYS L CB  1 
ATOM   151 C CG  . LYS A 1 20 ? -9.131  -3.465  2.237  1.00 15.50 ? 20 LYS L CG  1 
ATOM   152 C CD  . LYS A 1 20 ? -9.845  -2.459  3.155  1.00 20.82 ? 20 LYS L CD  1 
ATOM   153 C CE  . LYS A 1 20 ? -10.724 -3.145  4.160  1.00 30.94 ? 20 LYS L CE  1 
ATOM   154 N NZ  . LYS A 1 20 ? -11.961 -3.658  3.509  1.00 33.94 ? 20 LYS L NZ  1 
ATOM   155 N N   . SER A 1 21 ? -9.392  -3.969  -2.421 1.00 9.40  ? 21 SER L N   1 
ATOM   156 C CA  . SER A 1 21 ? -10.064 -4.264  -3.682 1.00 9.91  ? 21 SER L CA  1 
ATOM   157 C C   . SER A 1 21 ? -9.608  -5.562  -4.300 1.00 9.30  ? 21 SER L C   1 
ATOM   158 O O   . SER A 1 21 ? -10.258 -6.065  -5.234 1.00 10.47 ? 21 SER L O   1 
ATOM   159 C CB  . SER A 1 21 ? -9.892  -3.121  -4.666 1.00 11.75 ? 21 SER L CB  1 
ATOM   160 O OG  . SER A 1 21 ? -8.650  -3.092  -5.316 1.00 12.65 ? 21 SER L OG  1 
ATOM   161 N N   . ILE A 1 22 ? -8.520  -6.109  -3.843 1.00 10.39 ? 22 ILE L N   1 
ATOM   162 C CA  . ILE A 1 22 ? -7.998  -7.354  -4.217 1.00 12.20 ? 22 ILE L CA  1 
ATOM   163 C C   . ILE A 1 22 ? -8.613  -8.295  -3.230 1.00 12.49 ? 22 ILE L C   1 
ATOM   164 O O   . ILE A 1 22 ? -8.021  -8.609  -2.186 1.00 14.28 ? 22 ILE L O   1 
ATOM   165 C CB  . ILE A 1 22 ? -6.394  -7.334  -4.261 1.00 13.43 ? 22 ILE L CB  1 
ATOM   166 C CG1 . ILE A 1 22 ? -5.831  -6.094  -5.041 1.00 13.05 ? 22 ILE L CG1 1 
ATOM   167 C CG2 . ILE A 1 22 ? -5.862  -8.627  -4.729 1.00 15.06 ? 22 ILE L CG2 1 
ATOM   168 C CD1 . ILE A 1 22 ? -6.359  -5.922  -6.426 1.00 14.12 ? 22 ILE L CD1 1 
ATOM   169 N N   . LYS A 1 23 ? -9.870  -8.648  -3.498 1.00 13.19 ? 23 LYS L N   1 
ATOM   170 C CA  . LYS A 1 23 ? -10.804 -9.235  -2.553 1.00 14.54 ? 23 LYS L CA  1 
ATOM   171 C C   . LYS A 1 23 ? -10.189 -10.448 -1.802 1.00 13.39 ? 23 LYS L C   1 
ATOM   172 O O   . LYS A 1 23 ? -9.652  -11.317 -2.472 1.00 14.89 ? 23 LYS L O   1 
ATOM   173 C CB  . LYS A 1 23 ? -12.050 -9.640  -3.311 1.00 16.94 ? 23 LYS L CB  1 
ATOM   174 C CG  . LYS A 1 23 ? -13.082 -10.323 -2.519 1.00 22.65 ? 23 LYS L CG  1 
ATOM   175 C CD  . LYS A 1 23 ? -13.669 -9.405  -1.463 1.00 29.48 ? 23 LYS L CD  1 
ATOM   176 C CE  . LYS A 1 23 ? -15.094 -9.843  -1.023 1.00 36.07 ? 23 LYS L CE  1 
ATOM   177 N NZ  . LYS A 1 23 ? -15.125 -10.739 0.158  1.00 40.12 ? 23 LYS L NZ  1 
ATOM   178 N N   . GLY A 1 24 ? -10.247 -10.411 -0.473 1.00 13.05 ? 24 GLY L N   1 
ATOM   179 C CA  . GLY A 1 24 ? -9.614  -11.395 0.353  1.00 11.89 ? 24 GLY L CA  1 
ATOM   180 C C   . GLY A 1 24 ? -8.391  -10.850 1.083  1.00 11.17 ? 24 GLY L C   1 
ATOM   181 O O   . GLY A 1 24 ? -8.039  -11.309 2.194  1.00 11.18 ? 24 GLY L O   1 
ATOM   182 N N   . TYR A 1 25 ? -7.724  -9.855  0.489  1.00 11.14 ? 25 TYR L N   1 
ATOM   183 C CA  . TYR A 1 25 ? -6.694  -9.201  1.244  1.00 10.54 ? 25 TYR L CA  1 
ATOM   184 C C   . TYR A 1 25 ? -7.352  -8.356  2.314  1.00 10.40 ? 25 TYR L C   1 
ATOM   185 O O   . TYR A 1 25 ? -8.365  -7.682  2.093  1.00 11.14 ? 25 TYR L O   1 
ATOM   186 C CB  . TYR A 1 25 ? -5.778  -8.366  0.360  1.00 11.73 ? 25 TYR L CB  1 
ATOM   187 C CG  A TYR A 1 25 ? -5.006  -9.126  -0.696 0.50 13.78 ? 25 TYR L CG  1 
ATOM   188 C CG  B TYR A 1 25 ? -4.570  -9.142  -0.246 0.50 9.45  ? 25 TYR L CG  1 
ATOM   189 C CD1 A TYR A 1 25 ? -5.012  -10.506 -0.795 0.50 14.59 ? 25 TYR L CD1 1 
ATOM   190 C CD1 B TYR A 1 25 ? -3.660  -9.873  0.495  0.50 9.33  ? 25 TYR L CD1 1 
ATOM   191 C CD2 A TYR A 1 25 ? -4.163  -8.438  -1.552 0.50 14.35 ? 25 TYR L CD2 1 
ATOM   192 C CD2 B TYR A 1 25 ? -4.333  -9.046  -1.604 0.50 10.81 ? 25 TYR L CD2 1 
ATOM   193 C CE1 A TYR A 1 25 ? -4.180  -11.159 -1.693 0.50 14.50 ? 25 TYR L CE1 1 
ATOM   194 C CE1 B TYR A 1 25 ? -2.589  -10.547 -0.083 0.50 10.30 ? 25 TYR L CE1 1 
ATOM   195 C CE2 A TYR A 1 25 ? -3.321  -9.073  -2.415 0.50 15.02 ? 25 TYR L CE2 1 
ATOM   196 C CE2 B TYR A 1 25 ? -3.271  -9.712  -2.166 0.50 11.90 ? 25 TYR L CE2 1 
ATOM   197 C CZ  A TYR A 1 25 ? -3.323  -10.450 -2.485 0.50 14.67 ? 25 TYR L CZ  1 
ATOM   198 C CZ  B TYR A 1 25 ? -2.405  -10.483 -1.413 0.50 11.84 ? 25 TYR L CZ  1 
ATOM   199 O OH  A TYR A 1 25 ? -2.456  -11.061 -3.322 0.50 16.13 ? 25 TYR L OH  1 
ATOM   200 O OH  B TYR A 1 25 ? -1.333  -11.144 -2.019 0.50 15.29 ? 25 TYR L OH  1 
ATOM   201 N N   . LYS A 1 26 ? -6.800  -8.411  3.519  1.00 10.67 ? 26 LYS L N   1 
ATOM   202 C CA  . LYS A 1 26 ? -7.341  -7.710  4.657  1.00 10.61 ? 26 LYS L CA  1 
ATOM   203 C C   . LYS A 1 26 ? -7.013  -6.206  4.605  1.00 10.86 ? 26 LYS L C   1 
ATOM   204 O O   . LYS A 1 26 ? -7.775  -5.357  5.085  1.00 11.47 ? 26 LYS L O   1 
ATOM   205 C CB  . LYS A 1 26 ? -6.806  -8.374  5.950  1.00 11.06 ? 26 LYS L CB  1 
ATOM   206 C CG  . LYS A 1 26 ? -7.355  -9.788  6.129  0.50 6.99  ? 26 LYS L CG  1 
ATOM   207 C CD  . LYS A 1 26 ? -6.688  -10.569 7.276  0.50 8.66  ? 26 LYS L CD  1 
ATOM   208 C CE  . LYS A 1 26 ? -7.289  -11.972 7.426  0.50 9.26  ? 26 LYS L CE  1 
ATOM   209 N NZ  . LYS A 1 26 ? -6.800  -12.905 6.381  0.50 8.38  ? 26 LYS L NZ  1 
ATOM   210 N N   . GLY A 1 27 ? -5.848  -5.834  4.132  1.00 10.66 ? 27 GLY L N   1 
ATOM   211 C CA  . GLY A 1 27 ? -5.436  -4.436  4.139  1.00 10.77 ? 27 GLY L CA  1 
ATOM   212 C C   . GLY A 1 27 ? -4.076  -4.324  3.516  1.00 9.25  ? 27 GLY L C   1 
ATOM   213 O O   . GLY A 1 27 ? -3.579  -5.276  2.903  1.00 9.15  ? 27 GLY L O   1 
ATOM   214 N N   . GLY A 1 28 ? -3.505  -3.131  3.620  1.00 9.22  ? 28 GLY L N   1 
ATOM   215 C CA  . GLY A 1 28 ? -2.163  -2.917  3.096  1.00 10.01 ? 28 GLY L CA  1 
ATOM   216 C C   . GLY A 1 28 ? -1.581  -1.632  3.603  1.00 8.09  ? 28 GLY L C   1 
ATOM   217 O O   . GLY A 1 28 ? -2.263  -0.782  4.178  1.00 9.02  ? 28 GLY L O   1 
ATOM   218 N N   . TYR A 1 29 ? -0.285  -1.504  3.378  1.00 7.73  ? 29 TYR L N   1 
ATOM   219 C CA  . TYR A 1 29 ? 0.445   -0.304  3.771  1.00 7.85  ? 29 TYR L CA  1 
ATOM   220 C C   . TYR A 1 29 ? 1.747   -0.252  2.992  1.00 7.43  ? 29 TYR L C   1 
ATOM   221 O O   . TYR A 1 29 ? 2.224   -1.269  2.486  1.00 8.02  ? 29 TYR L O   1 
ATOM   222 C CB  . TYR A 1 29 ? 0.716   -0.248  5.285  1.00 8.49  ? 29 TYR L CB  1 
ATOM   223 C CG  . TYR A 1 29 ? 1.364   -1.510  5.792  1.00 8.70  ? 29 TYR L CG  1 
ATOM   224 C CD1 . TYR A 1 29 ? 2.764   -1.643  5.858  1.00 8.67  ? 29 TYR L CD1 1 
ATOM   225 C CD2 . TYR A 1 29 ? 0.579   -2.580  6.164  1.00 10.13 ? 29 TYR L CD2 1 
ATOM   226 C CE1 . TYR A 1 29 ? 3.341   -2.814  6.294  1.00 9.22  ? 29 TYR L CE1 1 
ATOM   227 C CE2 . TYR A 1 29 ? 1.144   -3.747  6.616  1.00 11.32 ? 29 TYR L CE2 1 
ATOM   228 C CZ  . TYR A 1 29 ? 2.510   -3.867  6.674  1.00 10.56 ? 29 TYR L CZ  1 
ATOM   229 O OH  . TYR A 1 29 ? 3.036   -5.049  7.136  1.00 13.18 ? 29 TYR L OH  1 
ATOM   230 N N   . CYS A 1 30 ? 2.328   0.921   2.915  1.00 7.73  ? 30 CYS L N   1 
ATOM   231 C CA  . CYS A 1 30 ? 3.614   1.102   2.223  1.00 7.94  ? 30 CYS L CA  1 
ATOM   232 C C   . CYS A 1 30 ? 4.743   0.507   3.114  1.00 7.87  ? 30 CYS L C   1 
ATOM   233 O O   . CYS A 1 30 ? 4.767   0.678   4.314  1.00 8.21  ? 30 CYS L O   1 
ATOM   234 C CB  . CYS A 1 30 ? 3.850   2.551   1.933  1.00 8.32  ? 30 CYS L CB  1 
ATOM   235 S SG  . CYS A 1 30 ? 2.566   3.300   0.872  1.00 8.58  ? 30 CYS L SG  1 
ATOM   236 N N   . ALA A 1 31 ? 5.669   -0.163  2.431  1.00 8.17  ? 31 ALA L N   1 
ATOM   237 C CA  . ALA A 1 31 ? 6.595   -1.013  3.122  1.00 8.57  ? 31 ALA L CA  1 
ATOM   238 C C   . ALA A 1 31 ? 7.883   -1.165  2.304  1.00 8.77  ? 31 ALA L C   1 
ATOM   239 O O   . ALA A 1 31 ? 7.999   -0.683  1.190  1.00 9.30  ? 31 ALA L O   1 
ATOM   240 C CB  . ALA A 1 31 ? 5.946   -2.349  3.353  1.00 10.15 ? 31 ALA L CB  1 
ATOM   241 N N   . LYS A 1 32 ? 8.831   -1.895  2.896  1.00 9.32  ? 32 LYS L N   1 
ATOM   242 C CA  . LYS A 1 32 ? 10.020  -2.421  2.173  1.00 10.91 ? 32 LYS L CA  1 
ATOM   243 C C   . LYS A 1 32 ? 10.822  -1.346  1.506  1.00 10.28 ? 32 LYS L C   1 
ATOM   244 O O   . LYS A 1 32 ? 11.392  -1.607  0.454  1.00 11.91 ? 32 LYS L O   1 
ATOM   245 C CB  . LYS A 1 32 ? 9.568   -3.550  1.197  1.00 12.33 ? 32 LYS L CB  1 
ATOM   246 C CG  . LYS A 1 32 ? 8.907   -4.775  2.043  1.00 17.13 ? 32 LYS L CG  1 
ATOM   247 C CD  . LYS A 1 32 ? 8.584   -5.883  1.158  1.00 20.42 ? 32 LYS L CD  1 
ATOM   248 C CE  . LYS A 1 32 ? 7.796   -6.958  1.812  1.00 21.95 ? 32 LYS L CE  1 
ATOM   249 N NZ  . LYS A 1 32 ? 8.396   -7.437  3.073  1.00 25.73 ? 32 LYS L NZ  1 
ATOM   250 N N   . GLY A 1 33 ? 10.909  -0.145  2.105  1.00 10.04 ? 33 GLY L N   1 
ATOM   251 C CA  . GLY A 1 33 ? 11.630  0.970   1.592  1.00 11.15 ? 33 GLY L CA  1 
ATOM   252 C C   . GLY A 1 33 ? 10.753  2.114   1.144  1.00 10.56 ? 33 GLY L C   1 
ATOM   253 O O   . GLY A 1 33 ? 11.266  3.167   0.801  1.00 12.29 ? 33 GLY L O   1 
ATOM   254 N N   . GLY A 1 34 ? 9.422   1.904   1.138  1.00 9.74  ? 34 GLY L N   1 
ATOM   255 C CA  . GLY A 1 34 ? 8.474   2.978   0.843  1.00 10.12 ? 34 GLY L CA  1 
ATOM   256 C C   . GLY A 1 34 ? 7.849   2.952   -0.538 1.00 9.05  ? 34 GLY L C   1 
ATOM   257 O O   . GLY A 1 34 ? 6.891   3.699   -0.787 1.00 9.52  ? 34 GLY L O   1 
ATOM   258 N N   . PHE A 1 35 ? 8.369   2.100   -1.428 1.00 8.77  ? 35 PHE L N   1 
ATOM   259 C CA  . PHE A 1 35 ? 7.844   1.997   -2.789 1.00 8.99  ? 35 PHE L CA  1 
ATOM   260 C C   . PHE A 1 35 ? 6.970   0.777   -2.998 1.00 9.03  ? 35 PHE L C   1 
ATOM   261 O O   . PHE A 1 35 ? 6.496   0.604   -4.110 1.00 11.49 ? 35 PHE L O   1 
ATOM   262 C CB  . PHE A 1 35 ? 8.984   2.009   -3.836 1.00 10.13 ? 35 PHE L CB  1 
ATOM   263 C CG  . PHE A 1 35 ? 9.653   3.351   -3.958 1.00 9.63  ? 35 PHE L CG  1 
ATOM   264 C CD1 . PHE A 1 35 ? 10.818  3.609   -3.241 1.00 11.58 ? 35 PHE L CD1 1 
ATOM   265 C CD2 . PHE A 1 35 ? 9.111   4.342   -4.779 1.00 10.41 ? 35 PHE L CD2 1 
ATOM   266 C CE1 . PHE A 1 35 ? 11.464  4.869   -3.378 1.00 11.76 ? 35 PHE L CE1 1 
ATOM   267 C CE2 . PHE A 1 35 ? 9.730   5.587   -4.895 1.00 11.34 ? 35 PHE L CE2 1 
ATOM   268 C CZ  . PHE A 1 35 ? 10.886  5.833   -4.191 1.00 11.81 ? 35 PHE L CZ  1 
ATOM   269 N N   . VAL A 1 36 ? 6.807   -0.062  -1.984 1.00 8.59  ? 36 VAL L N   1 
ATOM   270 C CA  . VAL A 1 36 ? 6.036   -1.271  -2.091 1.00 8.74  ? 36 VAL L CA  1 
ATOM   271 C C   . VAL A 1 36 ? 4.727   -1.123  -1.341 1.00 8.07  ? 36 VAL L C   1 
ATOM   272 O O   . VAL A 1 36 ? 4.727   -0.898  -0.143 1.00 8.76  ? 36 VAL L O   1 
ATOM   273 C CB  . VAL A 1 36 ? 6.812   -2.470  -1.541 1.00 9.34  ? 36 VAL L CB  1 
ATOM   274 C CG1 . VAL A 1 36 ? 5.955   -3.722  -1.493 1.00 10.52 ? 36 VAL L CG1 1 
ATOM   275 C CG2 . VAL A 1 36 ? 8.109   -2.694  -2.359 1.00 11.19 ? 36 VAL L CG2 1 
ATOM   276 N N   . CYS A 1 37 ? 3.602   -1.276  -2.040 1.00 8.31  ? 37 CYS L N   1 
ATOM   277 C CA  . CYS A 1 37 ? 2.309   -1.409  -1.385 1.00 7.97  ? 37 CYS L CA  1 
ATOM   278 C C   . CYS A 1 37 ? 2.167   -2.854  -0.994 1.00 8.03  ? 37 CYS L C   1 
ATOM   279 O O   . CYS A 1 37 ? 2.010   -3.722  -1.864 1.00 9.21  ? 37 CYS L O   1 
ATOM   280 C CB  . CYS A 1 37 ? 1.196   -0.892  -2.298 1.00 8.58  ? 37 CYS L CB  1 
ATOM   281 S SG  . CYS A 1 37 ? -0.443  -1.238  -1.622 1.00 8.42  ? 37 CYS L SG  1 
ATOM   282 N N   . LYS A 1 38 ? 2.301   -3.141  0.289  1.00 8.41  ? 38 LYS L N   1 
ATOM   283 C CA  . LYS A 1 38 ? 2.299   -4.464  0.814  1.00 9.00  ? 38 LYS L CA  1 
ATOM   284 C C   . LYS A 1 38 ? 0.891   -4.818  1.303  1.00 8.59  ? 38 LYS L C   1 
ATOM   285 O O   . LYS A 1 38 ? 0.407   -4.250  2.281  1.00 10.78 ? 38 LYS L O   1 
ATOM   286 C CB  . LYS A 1 38 ? 3.288   -4.617  1.974  1.00 10.23 ? 38 LYS L CB  1 
ATOM   287 C CG  . LYS A 1 38 ? 3.279   -5.949  2.574  1.00 13.15 ? 38 LYS L CG  1 
ATOM   288 C CD  . LYS A 1 38 ? 3.303   -5.958  3.980  1.00 23.52 ? 38 LYS L CD  1 
ATOM   289 C CE  . LYS A 1 38 ? 2.829   -7.288  4.559  1.00 20.46 ? 38 LYS L CE  1 
ATOM   290 N NZ  . LYS A 1 38 ? 4.036   -7.987  4.995  1.00 20.82 ? 38 LYS L NZ  1 
ATOM   291 N N   . CYS A 1 39 ? 0.256   -5.768  0.617  1.00 9.18  ? 39 CYS L N   1 
ATOM   292 C CA  . CYS A 1 39 ? -1.039  -6.262  1.041  1.00 9.09  ? 39 CYS L CA  1 
ATOM   293 C C   . CYS A 1 39 ? -0.870  -7.477  1.928  1.00 10.15 ? 39 CYS L C   1 
ATOM   294 O O   . CYS A 1 39 ? 0.107   -8.222  1.809  1.00 12.32 ? 39 CYS L O   1 
ATOM   295 C CB  . CYS A 1 39 ? -1.890  -6.669  -0.162 1.00 9.88  ? 39 CYS L CB  1 
ATOM   296 S SG  . CYS A 1 39 ? -2.105  -5.399  -1.439 1.00 9.69  ? 39 CYS L SG  1 
ATOM   297 N N   . TYR A 1 40 ? -1.825  -7.696  2.827  1.00 10.29 ? 40 TYR L N   1 
ATOM   298 C CA  . TYR A 1 40 ? -1.813  -8.898  3.692  1.00 11.71 ? 40 TYR L CA  1 
ATOM   299 C C   . TYR A 1 40 ? -3.218  -9.396  3.871  1.00 11.27 ? 40 TYR L C   1 
ATOM   300 O O   . TYR A 1 40 ? -4.150  -8.613  3.638  1.00 12.24 ? 40 TYR L O   1 
ATOM   301 C CB  . TYR A 1 40 ? -1.170  -8.622  5.049  1.00 13.00 ? 40 TYR L CB  1 
ATOM   302 C CG  . TYR A 1 40 ? -1.904  -7.563  5.816  1.00 12.12 ? 40 TYR L CG  1 
ATOM   303 C CD1 . TYR A 1 40 ? -1.606  -6.220  5.628  1.00 13.28 ? 40 TYR L CD1 1 
ATOM   304 C CD2 . TYR A 1 40 ? -2.914  -7.904  6.715  1.00 13.04 ? 40 TYR L CD2 1 
ATOM   305 C CE1 . TYR A 1 40 ? -2.286  -5.221  6.268  1.00 14.61 ? 40 TYR L CE1 1 
ATOM   306 C CE2 . TYR A 1 40 ? -3.629  -6.909  7.391  1.00 13.42 ? 40 TYR L CE2 1 
ATOM   307 C CZ  . TYR A 1 40 ? -3.326  -5.564  7.141  1.00 14.88 ? 40 TYR L CZ  1 
ATOM   308 O OH  . TYR A 1 40 ? -4.027  -4.573  7.777  1.00 18.92 ? 40 TYR L OH  1 
ATOM   309 O OXT . TYR A 1 40 ? -3.387  -10.590 4.214  1.00 13.72 ? 40 TYR L OXT 1 
HETATM 310 O O   . HOH B 2 .  ? 3.881   -1.637  -5.196 1.00 9.12  ? 41 HOH L O   1 
HETATM 311 O O   . HOH B 2 .  ? 3.433   2.464   5.832  1.00 10.41 ? 42 HOH L O   1 
HETATM 312 O O   . HOH B 2 .  ? 10.560  0.205   -1.515 1.00 11.61 ? 43 HOH L O   1 
HETATM 313 O O   . HOH B 2 .  ? -10.642 -7.508  0.592  1.00 11.52 ? 44 HOH L O   1 
HETATM 314 O O   . HOH B 2 .  ? -6.081  -0.278  -7.406 1.00 12.90 ? 45 HOH L O   1 
HETATM 315 O O   . HOH B 2 .  ? -9.907  -7.556  -7.510 1.00 15.85 ? 46 HOH L O   1 
HETATM 316 O O   . HOH B 2 .  ? -8.722  -14.814 5.256  1.00 12.97 ? 47 HOH L O   1 
HETATM 317 O O   . HOH B 2 .  ? 1.915   8.958   -2.976 1.00 14.61 ? 48 HOH L O   1 
HETATM 318 O O   . HOH B 2 .  ? 9.524   9.594   -1.009 1.00 14.61 ? 49 HOH L O   1 
HETATM 319 O O   . HOH B 2 .  ? -2.781  8.140   3.065  1.00 16.00 ? 50 HOH L O   1 
HETATM 320 O O   . HOH B 2 .  ? -0.845  -4.970  -4.961 1.00 16.10 ? 51 HOH L O   1 
HETATM 321 O O   . HOH B 2 .  ? 9.980   9.344   -4.739 1.00 15.16 ? 52 HOH L O   1 
HETATM 322 O O   . HOH B 2 .  ? -1.467  -12.524 4.008  1.00 16.15 ? 53 HOH L O   1 
HETATM 323 O O   . HOH B 2 .  ? -10.333 -6.344  4.955  1.00 16.77 ? 54 HOH L O   1 
HETATM 324 O O   . HOH B 2 .  ? -3.070  -2.045  7.073  1.00 19.85 ? 55 HOH L O   1 
HETATM 325 O O   . HOH B 2 .  ? -0.530  8.422   4.508  1.00 20.51 ? 56 HOH L O   1 
HETATM 326 O O   . HOH B 2 .  ? -5.619  8.709   -2.215 1.00 17.72 ? 57 HOH L O   1 
HETATM 327 O O   . HOH B 2 .  ? 2.319   -10.632 4.741  1.00 19.60 ? 58 HOH L O   1 
HETATM 328 O O   . HOH B 2 .  ? 5.893   13.910  -0.543 1.00 22.17 ? 59 HOH L O   1 
HETATM 329 O O   . HOH B 2 .  ? 1.341   5.692   -6.988 1.00 26.75 ? 60 HOH L O   1 
HETATM 330 O O   . HOH B 2 .  ? 0.370   2.257   -9.001 1.00 31.99 ? 61 HOH L O   1 
HETATM 331 O O   . HOH B 2 .  ? -5.358  9.160   0.994  0.50 12.35 ? 62 HOH L O   1 
HETATM 332 O O   . HOH B 2 .  ? -8.450  -10.831 -5.289 0.50 12.10 ? 63 HOH L O   1 
HETATM 333 O O   . HOH B 2 .  ? -2.129  0.647   7.934  0.50 12.93 ? 64 HOH L O   1 
# 
loop_
_atom_site_anisotrop.id 
_atom_site_anisotrop.type_symbol 
_atom_site_anisotrop.pdbx_label_atom_id 
_atom_site_anisotrop.pdbx_label_alt_id 
_atom_site_anisotrop.pdbx_label_comp_id 
_atom_site_anisotrop.pdbx_label_asym_id 
_atom_site_anisotrop.pdbx_label_seq_id 
_atom_site_anisotrop.pdbx_PDB_ins_code 
_atom_site_anisotrop.U[1][1] 
_atom_site_anisotrop.U[2][2] 
_atom_site_anisotrop.U[3][3] 
_atom_site_anisotrop.U[1][2] 
_atom_site_anisotrop.U[1][3] 
_atom_site_anisotrop.U[2][3] 
_atom_site_anisotrop.pdbx_auth_seq_id 
_atom_site_anisotrop.pdbx_auth_comp_id 
_atom_site_anisotrop.pdbx_auth_asym_id 
_atom_site_anisotrop.pdbx_auth_atom_id 
1   N N   . GLY A 1  ? 0.1901 0.2093 0.1237 0.0206  0.0340  -0.0527 1  GLY L N   
2   C CA  . GLY A 1  ? 0.2053 0.2070 0.0979 0.0117  0.0238  -0.0329 1  GLY L CA  
3   C C   . GLY A 1  ? 0.1712 0.1407 0.0663 0.0083  0.0259  -0.0337 1  GLY L C   
4   O O   . GLY A 1  ? 0.1611 0.1310 0.0733 0.0037  0.0078  -0.0235 1  GLY L O   
5   N N   . PHE A 2  ? 0.1892 0.1488 0.0665 -0.0149 0.0067  -0.0241 2  PHE L N   
6   C CA  . PHE A 2  ? 0.1684 0.1568 0.0749 -0.0089 -0.0013 -0.0093 2  PHE L CA  
7   C C   . PHE A 2  ? 0.1478 0.1576 0.0583 0.0163  -0.0035 -0.0191 2  PHE L C   
8   O O   . PHE A 2  ? 0.1539 0.2040 0.0771 0.0024  0.0081  -0.0263 2  PHE L O   
9   C CB  . PHE A 2  ? 0.2052 0.1627 0.1011 -0.0228 -0.0085 -0.0037 2  PHE L CB  
10  C CG  . PHE A 2  ? 0.1863 0.1673 0.1190 -0.0184 -0.0054 -0.0058 2  PHE L CG  
11  C CD1 . PHE A 2  ? 0.2249 0.1635 0.1519 -0.0189 0.0128  -0.0096 2  PHE L CD1 
12  C CD2 . PHE A 2  ? 0.2035 0.2069 0.1193 -0.0240 -0.0175 -0.0346 2  PHE L CD2 
13  C CE1 . PHE A 2  ? 0.2219 0.1865 0.1816 -0.0095 0.0343  -0.0170 2  PHE L CE1 
14  C CE2 . PHE A 2  ? 0.2101 0.2144 0.1471 -0.0154 -0.0145 -0.0399 2  PHE L CE2 
15  C CZ  . PHE A 2  ? 0.2427 0.1747 0.1866 -0.0149 0.0024  -0.0398 2  PHE L CZ  
16  N N   . GLY A 3  ? 0.1463 0.1453 0.0767 0.0246  -0.0099 -0.0184 3  GLY L N   
17  C CA  . GLY A 3  ? 0.1429 0.1514 0.0897 0.0329  -0.0049 -0.0339 3  GLY L CA  
18  C C   . GLY A 3  ? 0.1298 0.1354 0.0632 0.0230  0.0162  -0.0187 3  GLY L C   
19  O O   . GLY A 3  ? 0.1483 0.1297 0.0731 0.0244  0.0027  -0.0316 3  GLY L O   
20  N N   . CYS A 4  ? 0.1105 0.1264 0.0681 0.0179  0.0101  -0.0194 4  CYS L N   
21  C CA  . CYS A 4  ? 0.1098 0.1313 0.0751 0.0198  0.0091  -0.0223 4  CYS L CA  
22  C C   . CYS A 4  ? 0.1280 0.1387 0.0571 0.0114  0.0148  -0.0259 4  CYS L C   
23  O O   . CYS A 4  ? 0.1440 0.1574 0.0696 0.0177  0.0248  -0.0414 4  CYS L O   
24  C CB  . CYS A 4  ? 0.1173 0.1293 0.0806 0.0157  0.0192  -0.0172 4  CYS L CB  
25  S SG  . CYS A 4  ? 0.1150 0.1233 0.0909 0.0144  0.0053  -0.0149 4  CYS L SG  
26  N N   . ASN A 5  ? 0.1317 0.1339 0.0692 0.0025  0.0239  -0.0205 5  ASN L N   
27  C CA  . ASN A 5  ? 0.1482 0.1606 0.0912 -0.0003 0.0358  -0.0201 5  ASN L CA  
28  C C   . ASN A 5  ? 0.1333 0.1546 0.1210 0.0002  0.0461  -0.0300 5  ASN L C   
29  O O   . ASN A 5  ? 0.1537 0.1652 0.1521 -0.0024 0.0383  -0.0182 5  ASN L O   
30  C CB  . ASN A 5  ? 0.1848 0.1822 0.0877 -0.0070 0.0393  0.0019  5  ASN L CB  
31  C CG  . ASN A 5  ? 0.2993 0.2831 0.1106 0.0055  0.0430  -0.0263 5  ASN L CG  
32  O OD1 . ASN A 5  ? 0.4299 0.3559 0.1802 0.0002  -0.0152 -0.0571 5  ASN L OD1 
33  N ND2 . ASN A 5  ? 0.3423 0.4044 0.2192 0.0275  0.0355  -0.0259 5  ASN L ND2 
34  N N   . GLY A 6  ? 0.1349 0.1492 0.1004 0.0093  0.0296  -0.0440 6  GLY L N   
35  C CA  . GLY A 6  ? 0.1260 0.1520 0.1273 0.0054  0.0137  -0.0431 6  GLY L CA  
36  C C   . GLY A 6  ? 0.1308 0.1182 0.1198 0.0168  0.0067  -0.0239 6  GLY L C   
37  O O   . GLY A 6  ? 0.1319 0.1229 0.0997 0.0127  0.0112  -0.0287 6  GLY L O   
38  N N   . PRO A 7  ? 0.1304 0.1264 0.1443 0.0161  -0.0081 -0.0249 7  PRO L N   
39  C CA  . PRO A 7  ? 0.1621 0.1314 0.1359 0.0234  -0.0189 -0.0042 7  PRO L CA  
40  C C   . PRO A 7  ? 0.1726 0.1423 0.0919 0.0105  -0.0160 -0.0240 7  PRO L C   
41  O O   . PRO A 7  ? 0.2451 0.1579 0.1026 0.0078  0.0079  -0.0112 7  PRO L O   
42  C CB  . PRO A 7  ? 0.1726 0.1741 0.1675 0.0323  -0.0290 -0.0084 7  PRO L CB  
43  C CG  . PRO A 7  ? 0.1779 0.2454 0.2025 0.0100  -0.0257 -0.0247 7  PRO L CG  
44  C CD  . PRO A 7  ? 0.1214 0.1506 0.1965 0.0214  -0.0067 -0.0354 7  PRO L CD  
45  N N   . TRP A 8  ? 0.1260 0.1149 0.1028 0.0091  -0.0026 -0.0149 8  TRP L N   
46  C CA  . TRP A 8  ? 0.1224 0.1151 0.1128 0.0099  -0.0011 -0.0255 8  TRP L CA  
47  C C   . TRP A 8  ? 0.1292 0.1102 0.0881 0.0105  0.0093  -0.0175 8  TRP L C   
48  O O   . TRP A 8  ? 0.1311 0.1168 0.0901 0.0105  0.0067  -0.0221 8  TRP L O   
49  C CB  . TRP A 8  ? 0.1427 0.1306 0.1473 0.0045  -0.0141 -0.0041 8  TRP L CB  
50  C CG  . TRP A 8  ? 0.1525 0.1288 0.1403 0.0092  -0.0142 -0.0370 8  TRP L CG  
51  C CD1 . TRP A 8  ? 0.1652 0.1424 0.1525 0.0193  -0.0208 -0.0270 8  TRP L CD1 
52  C CD2 . TRP A 8  ? 0.1446 0.1346 0.1529 0.0115  -0.0116 -0.0112 8  TRP L CD2 
53  N NE1 . TRP A 8  ? 0.1716 0.1576 0.1363 0.0181  -0.0181 -0.0309 8  TRP L NE1 
54  C CE2 . TRP A 8  ? 0.1428 0.1508 0.1379 0.0216  -0.0028 -0.0210 8  TRP L CE2 
55  C CE3 . TRP A 8  ? 0.1646 0.1689 0.1774 0.0190  -0.0084 -0.0167 8  TRP L CE3 
56  C CZ2 . TRP A 8  ? 0.1707 0.1710 0.1675 0.0223  -0.0221 -0.0008 8  TRP L CZ2 
57  C CZ3 . TRP A 8  ? 0.1902 0.2132 0.1799 0.0281  0.0176  -0.0134 8  TRP L CZ3 
58  C CH2 . TRP A 8  ? 0.1826 0.2188 0.1683 0.0269  0.0134  -0.0071 8  TRP L CH2 
59  N N   . ASP A 9  ? 0.1144 0.1250 0.0855 0.0110  0.0125  -0.0230 9  ASP L N   
60  C CA  . ASP A 9  ? 0.1294 0.1192 0.0832 0.0106  0.0120  -0.0065 9  ASP L CA  
61  C C   . ASP A 9  ? 0.1182 0.1212 0.0605 0.0194  0.0032  -0.0239 9  ASP L C   
62  O O   . ASP A 9  ? 0.1495 0.1390 0.0752 0.0092  0.0126  -0.0164 9  ASP L O   
63  C CB  . ASP A 9  ? 0.1583 0.1637 0.0800 0.0028  0.0034  -0.0056 9  ASP L CB  
64  C CG  . ASP A 9  ? 0.2242 0.1812 0.0889 0.0151  0.0125  0.0093  9  ASP L CG  
65  O OD1 . ASP A 9  ? 0.1904 0.1834 0.1396 0.0307  -0.0049 0.0048  9  ASP L OD1 
66  O OD2 . ASP A 9  ? 0.2914 0.3100 0.1162 0.0286  0.0071  0.0407  9  ASP L OD2 
67  N N   . GLU A 10 ? 0.1232 0.1240 0.0663 0.0102  0.0148  -0.0198 10 GLU L N   
68  C CA  . GLU A 10 ? 0.1480 0.1096 0.0874 0.0121  0.0086  -0.0117 10 GLU L CA  
69  C C   . GLU A 10 ? 0.1282 0.1159 0.0831 0.0021  0.0184  -0.0157 10 GLU L C   
70  O O   . GLU A 10 ? 0.1494 0.1377 0.0607 0.0024  0.0184  -0.0204 10 GLU L O   
71  C CB  . GLU A 10 ? 0.1444 0.1477 0.1356 0.0274  0.0160  0.0062  10 GLU L CB  
72  C CG  . GLU A 10 ? 0.1691 0.1415 0.1829 0.0231  0.0119  0.0013  10 GLU L CG  
73  C CD  . GLU A 10 ? 0.1766 0.1625 0.2009 0.0320  -0.0296 -0.0248 10 GLU L CD  
74  O OE1 . GLU A 10 ? 0.2482 0.2031 0.2303 0.0536  -0.0731 -0.0492 10 GLU L OE1 
75  O OE2 . GLU A 10 ? 0.1854 0.1517 0.1997 0.0362  -0.0241 -0.0049 10 GLU L OE2 
76  N N   . ASP A 11 ? 0.1429 0.1205 0.0702 0.0032  0.0119  -0.0144 11 ASP L N   
77  C CA  . ASP A 11 ? 0.1277 0.1272 0.0826 0.0038  0.0157  -0.0197 11 ASP L CA  
78  C C   . ASP A 11 ? 0.1321 0.1188 0.0682 0.0012  0.0128  -0.0240 11 ASP L C   
79  O O   . ASP A 11 ? 0.1314 0.1253 0.0693 0.0087  0.0057  -0.0180 11 ASP L O   
80  C CB  . ASP A 11 ? 0.1536 0.1314 0.0786 0.0104  0.0014  -0.0082 11 ASP L CB  
81  C CG  . ASP A 11 ? 0.1559 0.1363 0.0944 0.0157  -0.0118 -0.0075 11 ASP L CG  
82  O OD1 . ASP A 11 ? 0.1593 0.1437 0.1213 0.0241  0.0174  -0.0060 11 ASP L OD1 
83  O OD2 . ASP A 11 ? 0.1751 0.1515 0.1391 0.0010  -0.0201 0.0098  11 ASP L OD2 
84  N N   . ASP A 12 ? 0.1439 0.1283 0.0645 -0.0045 0.0094  -0.0174 12 ASP L N   
85  C CA  . ASP A 12 ? 0.1460 0.1328 0.0714 0.0064  0.0048  -0.0163 12 ASP L CA  
86  C C   . ASP A 12 ? 0.1545 0.1214 0.0576 0.0020  0.0107  -0.0067 12 ASP L C   
87  O O   . ASP A 12 ? 0.1789 0.1322 0.0680 -0.0075 -0.0078 -0.0134 12 ASP L O   
88  C CB  . ASP A 12 ? 0.1452 0.1462 0.0618 0.0211  0.0084  -0.0218 12 ASP L CB  
89  C CG  . ASP A 12 ? 0.1779 0.1703 0.0500 0.0352  0.0088  -0.0297 12 ASP L CG  
90  O OD1 . ASP A 12 ? 0.1840 0.1511 0.1066 0.0414  0.0281  -0.0318 12 ASP L OD1 
91  O OD2 . ASP A 12 ? 0.2001 0.3922 0.1199 0.1079  -0.0097 -0.0917 12 ASP L OD2 
92  N N   . MET A 13 ? 0.1400 0.1502 0.0569 -0.0033 0.0112  -0.0204 13 MET L N   
93  C CA  . MET A 13 ? 0.1446 0.1747 0.0637 -0.0034 0.0293  -0.0476 13 MET L CA  
94  C C   . MET A 13 ? 0.1237 0.1204 0.0673 0.0245  0.0253  -0.0229 13 MET L C   
95  O O   . MET A 13 ? 0.1199 0.1263 0.0661 0.0108  0.0192  -0.0172 13 MET L O   
96  C CB  . MET A 13 ? 0.1464 0.2089 0.1211 -0.0013 0.0463  -0.0858 13 MET L CB  
97  N N   . GLN A 14 ? 0.1287 0.1203 0.0576 0.0238  0.0194  -0.0175 14 GLN L N   
98  C CA  . GLN A 14 ? 0.1307 0.1192 0.0612 0.0224  0.0140  -0.0074 14 GLN L CA  
99  C C   . GLN A 14 ? 0.1084 0.1167 0.0472 0.0166  0.0140  -0.0111 14 GLN L C   
100 O O   . GLN A 14 ? 0.1146 0.1230 0.0563 0.0173  0.0086  -0.0185 14 GLN L O   
101 C CB  . GLN A 14 ? 0.1348 0.1343 0.0697 0.0100  0.0135  0.0038  14 GLN L CB  
102 C CG  . GLN A 14 ? 0.1390 0.1844 0.0689 0.0257  0.0250  0.0223  14 GLN L CG  
103 C CD  . GLN A 14 ? 0.1754 0.2117 0.0803 0.0686  0.0193  0.0306  14 GLN L CD  
104 O OE1 . GLN A 14 ? 0.2087 0.2808 0.1111 0.0459  0.0409  0.0425  14 GLN L OE1 
105 N NE2 . GLN A 14 ? 0.1548 0.2420 0.1470 0.0207  0.0151  0.0785  14 GLN L NE2 
106 N N   . CYS A 15 ? 0.1116 0.1080 0.0522 0.0174  0.0115  -0.0095 15 CYS L N   
107 C CA  . CYS A 15 ? 0.1041 0.1190 0.0597 0.0179  0.0116  -0.0138 15 CYS L CA  
108 C C   . CYS A 15 ? 0.1061 0.1132 0.0444 0.0217  0.0039  -0.0265 15 CYS L C   
109 O O   . CYS A 15 ? 0.1123 0.1236 0.0545 0.0244  0.0125  -0.0195 15 CYS L O   
110 C CB  . CYS A 15 ? 0.1074 0.1257 0.0674 0.0248  0.0064  -0.0176 15 CYS L CB  
111 S SG  . CYS A 15 ? 0.1101 0.1339 0.0675 0.0248  0.0092  -0.0104 15 CYS L SG  
112 N N   . HIS A 16 ? 0.1169 0.1165 0.0583 0.0149  0.0052  -0.0206 16 HIS L N   
113 C CA  . HIS A 16 ? 0.1262 0.1293 0.0540 0.0011  0.0217  -0.0175 16 HIS L CA  
114 C C   . HIS A 16 ? 0.1238 0.1305 0.0554 0.0104  0.0259  -0.0317 16 HIS L C   
115 O O   . HIS A 16 ? 0.1400 0.1351 0.0722 -0.0027 0.0267  -0.0349 16 HIS L O   
116 C CB  . HIS A 16 ? 0.1508 0.1353 0.0528 0.0045  0.0270  -0.0296 16 HIS L CB  
117 C CG  . HIS A 16 ? 0.1855 0.1324 0.1029 0.0114  0.0574  -0.0260 16 HIS L CG  
118 N ND1 . HIS A 16 ? 0.2411 0.1847 0.0999 0.0022  0.0791  -0.0006 16 HIS L ND1 
119 C CD2 . HIS A 16 ? 0.2201 0.1620 0.2159 0.0010  0.1078  -0.0155 16 HIS L CD2 
120 C CE1 . HIS A 16 ? 0.2661 0.2166 0.2005 0.0152  0.1253  -0.0222 16 HIS L CE1 
121 N NE2 . HIS A 16 ? 0.2757 0.1887 0.2379 0.0113  0.1533  -0.0138 16 HIS L NE2 
122 N N   . ASN A 17 ? 0.1188 0.1418 0.0501 0.0126  0.0201  -0.0357 17 ASN L N   
123 C CA  . ASN A 17 ? 0.1114 0.1620 0.0677 0.0193  0.0089  -0.0506 17 ASN L CA  
124 C C   . ASN A 17 ? 0.1102 0.1185 0.0759 0.0261  0.0016  -0.0247 17 ASN L C   
125 O O   . ASN A 17 ? 0.1124 0.1329 0.0770 0.0160  0.0113  -0.0359 17 ASN L O   
126 C CB  . ASN A 17 ? 0.1354 0.1564 0.1180 0.0485  -0.0159 -0.0650 17 ASN L CB  
127 C CG  . ASN A 17 ? 0.1801 0.1803 0.1078 0.0419  -0.0046 -0.0700 17 ASN L CG  
128 O OD1 . ASN A 17 ? 0.2324 0.2636 0.0924 0.0650  0.0565  -0.0826 17 ASN L OD1 
129 N ND2 . ASN A 17 ? 0.1777 0.1880 0.1211 0.0401  0.0057  -0.0570 17 ASN L ND2 
130 N N   . HIS A 18 ? 0.1098 0.1152 0.0620 0.0253  0.0122  -0.0278 18 HIS L N   
131 C CA  . HIS A 18 ? 0.1122 0.1124 0.0639 0.0215  0.0115  -0.0288 18 HIS L CA  
132 C C   . HIS A 18 ? 0.1105 0.1182 0.0553 0.0217  0.0127  -0.0223 18 HIS L C   
133 O O   . HIS A 18 ? 0.1277 0.1144 0.0727 0.0160  0.0017  -0.0238 18 HIS L O   
134 C CB  . HIS A 18 ? 0.1273 0.1234 0.0596 0.0155  0.0199  -0.0310 18 HIS L CB  
135 C CG  . HIS A 18 ? 0.1304 0.1315 0.0575 0.0104  0.0201  -0.0280 18 HIS L CG  
136 N ND1 . HIS A 18 ? 0.1582 0.1447 0.0629 0.0231  0.0278  -0.0405 18 HIS L ND1 
137 C CD2 . HIS A 18 ? 0.1320 0.1330 0.0736 0.0234  0.0260  -0.0279 18 HIS L CD2 
138 C CE1 . HIS A 18 ? 0.1718 0.1594 0.0862 0.0145  0.0266  -0.0473 18 HIS L CE1 
139 N NE2 . HIS A 18 ? 0.1420 0.1619 0.0871 0.0324  0.0242  -0.0272 18 HIS L NE2 
140 N N   . CYS A 19 ? 0.1134 0.1087 0.0600 0.0158  0.0139  -0.0150 19 CYS L N   
141 C CA  . CYS A 19 ? 0.1254 0.1234 0.0647 0.0132  0.0126  -0.0193 19 CYS L CA  
142 C C   . CYS A 19 ? 0.1376 0.1211 0.0656 -0.0017 0.0025  -0.0111 19 CYS L C   
143 O O   . CYS A 19 ? 0.1330 0.1260 0.0920 0.0043  0.0004  -0.0108 19 CYS L O   
144 C CB  . CYS A 19 ? 0.1245 0.1291 0.0710 0.0142  0.0016  -0.0143 19 CYS L CB  
145 S SG  . CYS A 19 ? 0.1231 0.1240 0.0754 0.0120  0.0025  -0.0114 19 CYS L SG  
146 N N   . LYS A 20 ? 0.1235 0.1399 0.0757 0.0008  0.0180  -0.0183 20 LYS L N   
147 C CA  . LYS A 20 ? 0.1328 0.1653 0.0899 -0.0113 0.0172  -0.0187 20 LYS L CA  
148 C C   . LYS A 20 ? 0.1216 0.1449 0.0879 0.0164  0.0240  -0.0158 20 LYS L C   
149 O O   . LYS A 20 ? 0.1381 0.1726 0.1024 -0.0171 0.0204  -0.0134 20 LYS L O   
150 C CB  . LYS A 20 ? 0.1448 0.2069 0.1159 -0.0222 0.0390  -0.0552 20 LYS L CB  
151 C CG  . LYS A 20 ? 0.2300 0.2735 0.0854 -0.0410 0.0267  -0.0600 20 LYS L CG  
152 C CD  . LYS A 20 ? 0.2907 0.3912 0.1090 -0.0134 0.0382  -0.0708 20 LYS L CD  
153 C CE  . LYS A 20 ? 0.4183 0.4301 0.3268 -0.0203 0.0179  -0.0020 20 LYS L CE  
154 N NZ  . LYS A 20 ? 0.4336 0.4556 0.4003 -0.0205 -0.0091 -0.0211 20 LYS L NZ  
155 N N   . SER A 21 ? 0.1303 0.1335 0.0934 0.0156  -0.0040 -0.0105 21 SER L N   
156 C CA  . SER A 21 ? 0.1376 0.1429 0.0960 0.0261  -0.0033 -0.0124 21 SER L CA  
157 C C   . SER A 21 ? 0.1198 0.1517 0.0818 0.0181  0.0127  -0.0099 21 SER L C   
158 O O   . SER A 21 ? 0.1383 0.1520 0.1075 0.0327  -0.0001 -0.0207 21 SER L O   
159 C CB  . SER A 21 ? 0.1557 0.1870 0.1036 0.0166  -0.0094 0.0053  21 SER L CB  
160 O OG  . SER A 21 ? 0.1876 0.1885 0.1043 0.0000  -0.0125 0.0237  21 SER L OG  
161 N N   . ILE A 22 ? 0.1577 0.1723 0.0648 0.0590  0.0120  -0.0160 22 ILE L N   
162 C CA  . ILE A 22 ? 0.2090 0.1772 0.0774 0.0710  -0.0080 -0.0265 22 ILE L CA  
163 C C   . ILE A 22 ? 0.1923 0.1633 0.1188 0.0485  -0.0043 -0.0406 22 ILE L C   
164 O O   . ILE A 22 ? 0.2509 0.1800 0.1117 0.0274  -0.0434 -0.0121 22 ILE L O   
165 C CB  . ILE A 22 ? 0.1732 0.2116 0.1253 0.0788  -0.0158 -0.0427 22 ILE L CB  
166 C CG1 . ILE A 22 ? 0.1758 0.2061 0.1136 0.0288  0.0242  -0.0431 22 ILE L CG1 
167 C CG2 . ILE A 22 ? 0.2033 0.2515 0.1173 0.0761  0.0128  -0.0905 22 ILE L CG2 
168 C CD1 . ILE A 22 ? 0.1966 0.2301 0.1095 0.0327  0.0189  -0.0361 22 ILE L CD1 
169 N N   . LYS A 23 ? 0.1964 0.1836 0.1211 0.0678  0.0222  -0.0185 23 LYS L N   
170 C CA  . LYS A 23 ? 0.1826 0.2002 0.1695 0.0562  -0.0276 -0.0109 23 LYS L CA  
171 C C   . LYS A 23 ? 0.1825 0.2048 0.1211 0.0526  -0.0168 -0.0610 23 LYS L C   
172 O O   . LYS A 23 ? 0.2341 0.1742 0.1574 0.0453  0.0049  -0.0590 23 LYS L O   
173 C CB  . LYS A 23 ? 0.2015 0.2504 0.1918 0.0288  -0.0056 0.0218  23 LYS L CB  
174 C CG  . LYS A 23 ? 0.2587 0.3163 0.2854 0.0014  -0.0131 0.0296  23 LYS L CG  
175 C CD  . LYS A 23 ? 0.3672 0.3852 0.3674 0.0323  0.0001  0.0112  23 LYS L CD  
176 C CE  . LYS A 23 ? 0.4383 0.4625 0.4694 -0.0015 0.0063  0.0182  23 LYS L CE  
177 N NZ  . LYS A 23 ? 0.5196 0.5135 0.4912 0.0079  0.0181  0.0110  23 LYS L NZ  
178 N N   . GLY A 24 ? 0.1848 0.1907 0.1204 0.0482  -0.0094 -0.0366 24 GLY L N   
179 C CA  . GLY A 24 ? 0.1752 0.1445 0.1320 0.0340  -0.0090 -0.0258 24 GLY L CA  
180 C C   . GLY A 24 ? 0.1571 0.1628 0.1043 0.0129  0.0022  -0.0087 24 GLY L C   
181 O O   . GLY A 24 ? 0.1757 0.1592 0.0896 0.0058  0.0200  -0.0146 24 GLY L O   
182 N N   . TYR A 25 ? 0.1836 0.1476 0.0918 0.0124  0.0123  -0.0207 25 TYR L N   
183 C CA  . TYR A 25 ? 0.1619 0.1498 0.0888 0.0033  0.0189  -0.0203 25 TYR L CA  
184 C C   . TYR A 25 ? 0.1435 0.1521 0.0994 0.0045  0.0221  0.0099  25 TYR L C   
185 O O   . TYR A 25 ? 0.1716 0.1568 0.0950 0.0108  0.0227  -0.0177 25 TYR L O   
186 C CB  . TYR A 25 ? 0.1799 0.1572 0.1084 0.0042  0.0448  0.0000  25 TYR L CB  
187 C CG  A TYR A 25 ? 0.1946 0.1722 0.1565 -0.0179 0.0401  -0.0337 25 TYR L CG  
188 C CG  B TYR A 25 ? 0.1498 0.1584 0.0507 0.0278  0.0266  -0.0155 25 TYR L CG  
189 C CD1 A TYR A 25 ? 0.1807 0.1829 0.1906 -0.0185 0.0391  -0.0378 25 TYR L CD1 
190 C CD1 B TYR A 25 ? 0.1235 0.1500 0.0809 0.0221  0.0056  -0.0149 25 TYR L CD1 
191 C CD2 A TYR A 25 ? 0.2197 0.1612 0.1641 -0.0380 0.0350  -0.0283 25 TYR L CD2 
192 C CD2 B TYR A 25 ? 0.1550 0.1984 0.0570 0.0031  0.0139  -0.0439 25 TYR L CD2 
193 C CE1 A TYR A 25 ? 0.1826 0.2004 0.1680 0.0062  0.0184  -0.0328 25 TYR L CE1 
194 C CE1 B TYR A 25 ? 0.1563 0.1388 0.0962 0.0304  0.0271  -0.0098 25 TYR L CE1 
195 C CE2 A TYR A 25 ? 0.2149 0.1842 0.1713 -0.0247 0.0442  -0.0344 25 TYR L CE2 
196 C CE2 B TYR A 25 ? 0.2113 0.1780 0.0626 0.0227  0.0248  -0.0353 25 TYR L CE2 
197 C CZ  A TYR A 25 ? 0.2137 0.1674 0.1762 0.0082  0.0063  -0.0509 25 TYR L CZ  
198 C CZ  B TYR A 25 ? 0.1622 0.2034 0.0842 0.0424  0.0296  -0.0119 25 TYR L CZ  
199 O OH  A TYR A 25 ? 0.2055 0.2138 0.1934 0.0036  0.0603  -0.0091 25 TYR L OH  
200 O OH  B TYR A 25 ? 0.2028 0.2474 0.1307 0.0760  0.0626  -0.0179 25 TYR L OH  
201 N N   . LYS A 26 ? 0.1636 0.1649 0.0767 -0.0192 0.0110  -0.0017 26 LYS L N   
202 C CA  . LYS A 26 ? 0.1535 0.1664 0.0830 -0.0133 0.0206  -0.0089 26 LYS L CA  
203 C C   . LYS A 26 ? 0.1533 0.1721 0.0871 -0.0090 0.0332  -0.0229 26 LYS L C   
204 O O   . LYS A 26 ? 0.1467 0.1810 0.1081 -0.0138 0.0322  -0.0113 26 LYS L O   
205 C CB  . LYS A 26 ? 0.1575 0.1756 0.0871 -0.0027 0.0086  0.0023  26 LYS L CB  
206 C CG  . LYS A 26 ? 0.1098 0.1169 0.0386 0.0071  0.0090  -0.0016 26 LYS L CG  
207 C CD  . LYS A 26 ? 0.1484 0.1321 0.0485 0.0057  0.0167  0.0127  26 LYS L CD  
208 C CE  . LYS A 26 ? 0.1546 0.1416 0.0554 0.0241  0.0256  0.0119  26 LYS L CE  
209 N NZ  . LYS A 26 ? 0.1327 0.1200 0.0653 0.0138  0.0216  -0.0004 26 LYS L NZ  
210 N N   . GLY A 27 ? 0.1451 0.1680 0.0917 -0.0246 0.0300  -0.0237 27 GLY L N   
211 C CA  . GLY A 27 ? 0.1428 0.1628 0.1034 -0.0197 0.0327  -0.0221 27 GLY L CA  
212 C C   . GLY A 27 ? 0.1244 0.1518 0.0750 -0.0087 0.0174  -0.0150 27 GLY L C   
213 O O   . GLY A 27 ? 0.1356 0.1432 0.0688 -0.0059 0.0146  -0.0164 27 GLY L O   
214 N N   . GLY A 28 ? 0.1293 0.1509 0.0701 -0.0068 0.0238  -0.0191 28 GLY L N   
215 C CA  . GLY A 28 ? 0.1320 0.1658 0.0825 -0.0196 0.0302  -0.0388 28 GLY L CA  
216 C C   . GLY A 28 ? 0.1178 0.1319 0.0575 -0.0010 0.0053  -0.0165 28 GLY L C   
217 O O   . GLY A 28 ? 0.1143 0.1430 0.0855 0.0080  0.0130  -0.0243 28 GLY L O   
218 N N   . TYR A 29 ? 0.1140 0.1227 0.0567 0.0070  0.0007  -0.0156 29 TYR L N   
219 C CA  . TYR A 29 ? 0.1073 0.1263 0.0648 0.0082  0.0128  -0.0169 29 TYR L CA  
220 C C   . TYR A 29 ? 0.1126 0.1179 0.0516 0.0239  0.0075  -0.0210 29 TYR L C   
221 O O   . TYR A 29 ? 0.1135 0.1208 0.0702 0.0213  0.0145  -0.0201 29 TYR L O   
222 C CB  . TYR A 29 ? 0.1254 0.1274 0.0694 0.0131  0.0068  -0.0224 29 TYR L CB  
223 C CG  . TYR A 29 ? 0.1384 0.1488 0.0433 -0.0045 0.0066  -0.0195 29 TYR L CG  
224 C CD1 . TYR A 29 ? 0.1429 0.1306 0.0560 0.0224  0.0001  -0.0231 29 TYR L CD1 
225 C CD2 . TYR A 29 ? 0.1668 0.1482 0.0698 -0.0143 -0.0037 0.0136  29 TYR L CD2 
226 C CE1 . TYR A 29 ? 0.1528 0.1359 0.0613 0.0062  -0.0016 -0.0131 29 TYR L CE1 
227 C CE2 . TYR A 29 ? 0.1629 0.1583 0.1087 -0.0228 -0.0205 0.0097  29 TYR L CE2 
228 C CZ  . TYR A 29 ? 0.1815 0.1211 0.0983 0.0115  -0.0275 0.0088  29 TYR L CZ  
229 O OH  . TYR A 29 ? 0.2100 0.1499 0.1406 -0.0051 -0.0410 0.0146  29 TYR L OH  
230 N N   . CYS A 30 ? 0.1033 0.1153 0.0750 0.0160  0.0118  -0.0180 30 CYS L N   
231 C CA  . CYS A 30 ? 0.0994 0.1207 0.0812 0.0192  0.0156  -0.0146 30 CYS L CA  
232 C C   . CYS A 30 ? 0.1042 0.1111 0.0834 0.0121  0.0210  -0.0219 30 CYS L C   
233 O O   . CYS A 30 ? 0.1197 0.1316 0.0604 0.0247  0.0124  -0.0275 30 CYS L O   
234 C CB  . CYS A 30 ? 0.1198 0.1171 0.0792 0.0168  0.0014  -0.0141 30 CYS L CB  
235 S SG  . CYS A 30 ? 0.1176 0.1250 0.0832 0.0273  0.0214  -0.0097 30 CYS L SG  
236 N N   . ALA A 31 ? 0.1042 0.1325 0.0737 0.0283  0.0119  -0.0261 31 ALA L N   
237 C CA  . ALA A 31 ? 0.1053 0.1258 0.0942 0.0232  0.0079  -0.0238 31 ALA L CA  
238 C C   . ALA A 31 ? 0.1121 0.1398 0.0813 0.0243  0.0113  -0.0452 31 ALA L C   
239 O O   . ALA A 31 ? 0.1098 0.1551 0.0884 0.0195  0.0155  -0.0477 31 ALA L O   
240 C CB  . ALA A 31 ? 0.1200 0.1429 0.1226 0.0295  -0.0013 -0.0046 31 ALA L CB  
241 N N   . LYS A 32 ? 0.1082 0.1403 0.1053 0.0350  0.0095  -0.0447 32 LYS L N   
242 C CA  . LYS A 32 ? 0.1373 0.1655 0.1117 0.0336  0.0171  -0.0628 32 LYS L CA  
243 C C   . LYS A 32 ? 0.1316 0.1682 0.0906 0.0393  0.0164  -0.0458 32 LYS L C   
244 O O   . LYS A 32 ? 0.1564 0.1838 0.1122 0.0365  0.0372  -0.0479 32 LYS L O   
245 C CB  . LYS A 32 ? 0.1475 0.1694 0.1516 0.0406  0.0226  -0.0654 32 LYS L CB  
246 C CG  . LYS A 32 ? 0.1995 0.2209 0.2302 -0.0024 0.0580  -0.1225 32 LYS L CG  
247 C CD  . LYS A 32 ? 0.3250 0.2616 0.1892 -0.0166 0.0060  -0.0640 32 LYS L CD  
248 C CE  . LYS A 32 ? 0.3716 0.3035 0.1588 -0.0240 0.0276  -0.0303 32 LYS L CE  
249 N NZ  . LYS A 32 ? 0.4206 0.3346 0.2222 0.0147  -0.0101 -0.0325 32 LYS L NZ  
250 N N   . GLY A 33 ? 0.1175 0.1697 0.0940 0.0238  0.0111  -0.0386 33 GLY L N   
251 C CA  . GLY A 33 ? 0.1237 0.1761 0.1235 0.0136  0.0060  -0.0249 33 GLY L CA  
252 C C   . GLY A 33 ? 0.1379 0.1659 0.0972 0.0079  0.0235  -0.0419 33 GLY L C   
253 O O   . GLY A 33 ? 0.1448 0.1792 0.1430 0.0028  0.0094  -0.0317 33 GLY L O   
254 N N   . GLY A 34 ? 0.1167 0.1680 0.0852 0.0192  0.0097  -0.0422 34 GLY L N   
255 C CA  . GLY A 34 ? 0.1418 0.1491 0.0934 0.0161  0.0144  -0.0405 34 GLY L CA  
256 C C   . GLY A 34 ? 0.1175 0.1345 0.0918 0.0109  0.0219  -0.0437 34 GLY L C   
257 O O   . GLY A 34 ? 0.1300 0.1345 0.0972 0.0214  0.0240  -0.0372 34 GLY L O   
258 N N   . PHE A 35 ? 0.1186 0.1313 0.0832 0.0096  0.0258  -0.0294 35 PHE L N   
259 C CA  . PHE A 35 ? 0.1293 0.1379 0.0742 -0.0004 0.0276  -0.0292 35 PHE L CA  
260 C C   . PHE A 35 ? 0.1263 0.1277 0.0890 0.0122  0.0169  -0.0290 35 PHE L C   
261 O O   . PHE A 35 ? 0.1845 0.1518 0.1001 -0.0135 -0.0047 -0.0253 35 PHE L O   
262 C CB  . PHE A 35 ? 0.1410 0.1445 0.0993 0.0027  0.0413  -0.0350 35 PHE L CB  
263 C CG  . PHE A 35 ? 0.1398 0.1412 0.0849 0.0058  0.0374  -0.0339 35 PHE L CG  
264 C CD1 . PHE A 35 ? 0.1550 0.1680 0.1168 0.0056  0.0272  -0.0201 35 PHE L CD1 
265 C CD2 . PHE A 35 ? 0.1790 0.1342 0.0822 0.0183  0.0523  -0.0180 35 PHE L CD2 
266 C CE1 . PHE A 35 ? 0.1623 0.1752 0.1090 -0.0075 0.0305  -0.0199 35 PHE L CE1 
267 C CE2 . PHE A 35 ? 0.1739 0.1510 0.1058 0.0023  0.0494  -0.0240 35 PHE L CE2 
268 C CZ  . PHE A 35 ? 0.1713 0.1715 0.1056 0.0065  0.0367  -0.0184 35 PHE L CZ  
269 N N   . VAL A 36 ? 0.1121 0.1205 0.0935 0.0107  0.0262  -0.0313 36 VAL L N   
270 C CA  . VAL A 36 ? 0.1170 0.1193 0.0956 0.0097  0.0280  -0.0270 36 VAL L CA  
271 C C   . VAL A 36 ? 0.1022 0.1210 0.0833 0.0198  0.0198  -0.0344 36 VAL L C   
272 O O   . VAL A 36 ? 0.1103 0.1444 0.0779 0.0211  0.0188  -0.0329 36 VAL L O   
273 C CB  . VAL A 36 ? 0.1165 0.1387 0.0994 0.0215  0.0310  -0.0371 36 VAL L CB  
274 C CG1 . VAL A 36 ? 0.1418 0.1220 0.1359 0.0082  0.0301  -0.0147 36 VAL L CG1 
275 C CG2 . VAL A 36 ? 0.1303 0.1485 0.1464 0.0215  0.0357  -0.0469 36 VAL L CG2 
276 N N   . CYS A 37 ? 0.1120 0.1257 0.0779 0.0119  0.0181  -0.0164 37 CYS L N   
277 C CA  . CYS A 37 ? 0.1087 0.1263 0.0677 0.0113  0.0125  -0.0213 37 CYS L CA  
278 C C   . CYS A 37 ? 0.1147 0.1306 0.0596 0.0112  0.0121  -0.0274 37 CYS L C   
279 O O   . CYS A 37 ? 0.1423 0.1309 0.0766 0.0132  0.0176  -0.0208 37 CYS L O   
280 C CB  . CYS A 37 ? 0.1041 0.1367 0.0853 0.0149  0.0142  -0.0187 37 CYS L CB  
281 S SG  . CYS A 37 ? 0.1125 0.1279 0.0794 0.0139  0.0112  -0.0220 37 CYS L SG  
282 N N   . LYS A 38 ? 0.1172 0.1195 0.0825 0.0137  0.0114  -0.0146 38 LYS L N   
283 C CA  . LYS A 38 ? 0.1280 0.1288 0.0851 0.0201  0.0135  -0.0140 38 LYS L CA  
284 C C   . LYS A 38 ? 0.1298 0.1197 0.0766 0.0060  0.0120  -0.0163 38 LYS L C   
285 O O   . LYS A 38 ? 0.1446 0.1578 0.1070 -0.0033 0.0361  -0.0439 38 LYS L O   
286 C CB  . LYS A 38 ? 0.1416 0.1294 0.1174 0.0176  -0.0036 0.0120  38 LYS L CB  
287 C CG  . LYS A 38 ? 0.2241 0.1604 0.1149 0.0335  0.0045  -0.0006 38 LYS L CG  
288 C CD  . LYS A 38 ? 0.4141 0.2741 0.2052 -0.0484 -0.0533 0.0486  38 LYS L CD  
289 C CE  . LYS A 38 ? 0.3266 0.2457 0.2049 -0.0296 -0.0354 0.0210  38 LYS L CE  
290 N NZ  . LYS A 38 ? 0.3125 0.2245 0.2539 -0.0492 -0.0331 0.0017  38 LYS L NZ  
291 N N   . CYS A 39 ? 0.1377 0.1300 0.0809 0.0133  0.0105  -0.0123 39 CYS L N   
292 C CA  . CYS A 39 ? 0.1426 0.1194 0.0831 0.0091  0.0072  -0.0098 39 CYS L CA  
293 C C   . CYS A 39 ? 0.1475 0.1303 0.1076 0.0148  0.0132  -0.0071 39 CYS L C   
294 O O   . CYS A 39 ? 0.1827 0.1438 0.1416 0.0293  0.0271  0.0145  39 CYS L O   
295 C CB  . CYS A 39 ? 0.1512 0.1347 0.0893 0.0119  -0.0008 -0.0172 39 CYS L CB  
296 S SG  . CYS A 39 ? 0.1496 0.1395 0.0790 0.0193  0.0106  -0.0190 39 CYS L SG  
297 N N   . TYR A 40 ? 0.1543 0.1389 0.0974 0.0035  0.0047  0.0099  40 TYR L N   
298 C CA  . TYR A 40 ? 0.1636 0.1690 0.1122 -0.0034 -0.0014 0.0161  40 TYR L CA  
299 C C   . TYR A 40 ? 0.1784 0.1584 0.0914 0.0075  0.0074  0.0082  40 TYR L C   
300 O O   . TYR A 40 ? 0.1655 0.1701 0.1294 -0.0131 0.0088  -0.0013 40 TYR L O   
301 C CB  . TYR A 40 ? 0.1781 0.2001 0.1155 0.0057  -0.0190 0.0111  40 TYR L CB  
302 C CG  . TYR A 40 ? 0.1500 0.1998 0.1105 -0.0195 -0.0290 0.0250  40 TYR L CG  
303 C CD1 . TYR A 40 ? 0.1970 0.1940 0.1136 -0.0281 -0.0394 0.0018  40 TYR L CD1 
304 C CD2 . TYR A 40 ? 0.1712 0.2106 0.1136 -0.0168 -0.0025 0.0146  40 TYR L CD2 
305 C CE1 . TYR A 40 ? 0.2038 0.2087 0.1424 -0.0291 -0.0554 0.0099  40 TYR L CE1 
306 C CE2 . TYR A 40 ? 0.1739 0.2209 0.1149 -0.0191 -0.0092 -0.0148 40 TYR L CE2 
307 C CZ  . TYR A 40 ? 0.1982 0.2143 0.1528 0.0126  -0.0410 -0.0410 40 TYR L CZ  
308 O OH  . TYR A 40 ? 0.2444 0.2902 0.1842 0.0177  -0.0427 -0.0633 40 TYR L OH  
309 O OXT . TYR A 40 ? 0.1902 0.1687 0.1621 -0.0069 0.0065  0.0248  40 TYR L OXT 
310 O O   . HOH B .  ? 0.1621 0.1454 0.0389 0.0087  0.0140  -0.0371 41 HOH L O   
311 O O   . HOH B .  ? 0.1545 0.1455 0.0954 0.0375  -0.0064 -0.0382 42 HOH L O   
312 O O   . HOH B .  ? 0.1552 0.1820 0.1039 0.0470  0.0149  -0.0471 43 HOH L O   
313 O O   . HOH B .  ? 0.1768 0.1656 0.0949 -0.0014 0.0334  -0.0234 44 HOH L O   
314 O O   . HOH B .  ? 0.1366 0.2432 0.1103 0.0387  0.0016  -0.0316 45 HOH L O   
315 O O   . HOH B .  ? 0.1883 0.2764 0.1376 0.0888  -0.0304 -0.0788 46 HOH L O   
316 O O   . HOH B .  ? 0.1609 0.1941 0.1379 0.0347  0.0148  -0.0257 47 HOH L O   
317 O O   . HOH B .  ? 0.2386 0.1747 0.1419 0.0031  -0.0064 0.0094  48 HOH L O   
318 O O   . HOH B .  ? 0.1920 0.2294 0.1334 -0.0425 0.0528  -0.0409 49 HOH L O   
319 O O   . HOH B .  ? 0.2411 0.2165 0.1501 -0.0179 0.0307  -0.0538 50 HOH L O   
320 O O   . HOH B .  ? 0.2369 0.2426 0.1322 0.0949  0.0127  -0.0388 51 HOH L O   
321 O O   . HOH B .  ? 0.2174 0.2033 0.1550 -0.0037 0.0419  -0.0244 52 HOH L O   
322 O O   . HOH B .  ? 0.2334 0.2144 0.1656 0.0238  0.0023  0.0093  53 HOH L O   
323 O O   . HOH B .  ? 0.2061 0.2560 0.1749 0.0112  0.0400  -0.0145 54 HOH L O   
324 O O   . HOH B .  ? 0.2828 0.3142 0.1569 0.0323  0.0480  -0.0855 55 HOH L O   
325 O O   . HOH B .  ? 0.2941 0.2972 0.1878 0.0291  0.1706  -0.0711 56 HOH L O   
326 O O   . HOH B .  ? 0.2335 0.2121 0.2275 0.0278  0.0198  -0.0062 57 HOH L O   
327 O O   . HOH B .  ? 0.3281 0.2296 0.1869 0.0432  -0.0185 -0.0114 58 HOH L O   
328 O O   . HOH B .  ? 0.3970 0.2014 0.2440 0.0410  -0.0979 -0.0108 59 HOH L O   
329 O O   . HOH B .  ? 0.4962 0.3142 0.2058 -0.0477 0.1140  -0.0388 60 HOH L O   
330 O O   . HOH B .  ? 0.4769 0.5184 0.2199 -0.0606 -0.0261 0.0141  61 HOH L O   
331 O O   . HOH B .  ? 0.1663 0.2150 0.0878 0.0586  0.0274  0.0092  62 HOH L O   
332 O O   . HOH B .  ? 0.2512 0.1357 0.0724 0.0032  0.0393  -0.0267 63 HOH L O   
# 
